data_2KXQ
#
_entry.id   2KXQ
#
loop_
_entity.id
_entity.type
_entity.pdbx_description
1 polymer 'E3 ubiquitin-protein ligase SMURF2'
2 polymer 'Smad7 PY motif containing peptide'
#
loop_
_entity_poly.entity_id
_entity_poly.type
_entity_poly.pdbx_seq_one_letter_code
_entity_poly.pdbx_strand_id
1 'polypeptide(L)'
;GPLGGSPPDLPEGYEQRTTQQGQVYFLHTQTGVSTWHDPRVPRDLSNINCEELGPLPPGWEIRNTATGRVYFVDHNNRTT
QFTDPRLSAN
;
A
2 'polypeptide(L)' GPLGSELESPPPPYSRYPMD B
#
# COMPACT_ATOMS: atom_id res chain seq x y z
N GLY A 1 15.75 -18.37 -3.70
CA GLY A 1 16.65 -17.72 -2.71
C GLY A 1 16.92 -16.26 -3.04
N PRO A 2 18.19 -15.87 -3.25
CA PRO A 2 18.55 -14.49 -3.58
C PRO A 2 18.29 -14.15 -5.04
N LEU A 3 17.63 -13.02 -5.28
CA LEU A 3 17.32 -12.58 -6.64
C LEU A 3 17.30 -11.06 -6.72
N GLY A 4 17.71 -10.53 -7.87
CA GLY A 4 17.73 -9.09 -8.06
C GLY A 4 17.36 -8.68 -9.47
N GLY A 5 16.84 -7.46 -9.60
CA GLY A 5 16.44 -6.97 -10.91
C GLY A 5 15.82 -5.58 -10.85
N SER A 6 14.53 -5.53 -10.54
CA SER A 6 13.82 -4.25 -10.44
C SER A 6 13.17 -4.12 -9.05
N PRO A 7 13.42 -3.00 -8.35
CA PRO A 7 12.84 -2.77 -7.02
C PRO A 7 11.33 -2.56 -7.08
N PRO A 8 10.60 -2.98 -6.03
CA PRO A 8 9.15 -2.83 -5.96
C PRO A 8 8.70 -1.45 -5.49
N ASP A 9 9.45 -0.43 -5.88
CA ASP A 9 9.13 0.95 -5.51
C ASP A 9 9.09 1.12 -3.99
N LEU A 10 10.21 0.81 -3.34
CA LEU A 10 10.32 0.94 -1.89
C LEU A 10 11.75 1.32 -1.49
N PRO A 11 11.90 2.03 -0.36
CA PRO A 11 13.21 2.47 0.14
C PRO A 11 14.12 1.32 0.55
N GLU A 12 15.19 1.66 1.25
CA GLU A 12 16.15 0.67 1.71
C GLU A 12 15.83 0.24 3.14
N GLY A 13 16.03 -1.04 3.44
CA GLY A 13 15.76 -1.54 4.77
C GLY A 13 14.32 -1.97 4.97
N TYR A 14 13.42 -1.55 4.07
CA TYR A 14 12.03 -1.91 4.19
C TYR A 14 11.65 -2.98 3.18
N GLU A 15 10.47 -3.55 3.37
CA GLU A 15 9.97 -4.58 2.49
C GLU A 15 8.47 -4.53 2.49
N GLN A 16 7.86 -4.61 1.33
CA GLN A 16 6.43 -4.57 1.27
C GLN A 16 5.87 -5.93 1.64
N ARG A 17 4.77 -5.92 2.36
CA ARG A 17 4.15 -7.17 2.77
C ARG A 17 2.63 -7.05 2.70
N THR A 18 1.95 -8.17 2.85
CA THR A 18 0.48 -8.17 2.78
C THR A 18 -0.13 -8.87 3.98
N THR A 19 -1.21 -8.30 4.49
CA THR A 19 -1.91 -8.89 5.61
C THR A 19 -2.80 -10.01 5.12
N GLN A 20 -3.13 -10.93 6.01
CA GLN A 20 -3.97 -12.09 5.71
C GLN A 20 -4.79 -11.97 4.42
N GLN A 21 -5.66 -10.97 4.33
CA GLN A 21 -6.53 -10.83 3.15
C GLN A 21 -5.90 -10.01 2.01
N GLY A 22 -4.60 -9.76 2.04
CA GLY A 22 -3.98 -9.01 0.96
C GLY A 22 -3.85 -7.52 1.20
N GLN A 23 -3.62 -7.12 2.43
CA GLN A 23 -3.46 -5.69 2.73
C GLN A 23 -1.99 -5.30 2.66
N VAL A 24 -1.63 -4.48 1.67
CA VAL A 24 -0.24 -4.07 1.51
C VAL A 24 0.19 -3.13 2.61
N TYR A 25 1.38 -3.34 3.14
CA TYR A 25 1.94 -2.51 4.19
C TYR A 25 3.46 -2.51 4.11
N PHE A 26 4.10 -1.64 4.87
CA PHE A 26 5.55 -1.53 4.84
C PHE A 26 6.19 -2.02 6.14
N LEU A 27 7.03 -3.05 6.02
CA LEU A 27 7.70 -3.64 7.17
C LEU A 27 9.22 -3.49 7.11
N HIS A 28 9.81 -3.35 8.29
CA HIS A 28 11.27 -3.27 8.41
C HIS A 28 11.83 -4.64 8.70
N THR A 29 12.16 -5.37 7.64
CA THR A 29 12.69 -6.72 7.77
C THR A 29 13.78 -6.79 8.86
N GLN A 30 14.46 -5.67 9.05
CA GLN A 30 15.53 -5.58 10.04
C GLN A 30 15.01 -5.77 11.46
N THR A 31 14.11 -4.89 11.87
CA THR A 31 13.55 -4.94 13.22
C THR A 31 12.11 -5.43 13.22
N GLY A 32 11.70 -6.13 12.16
CA GLY A 32 10.34 -6.63 12.08
C GLY A 32 9.32 -5.55 12.36
N VAL A 33 9.66 -4.31 12.03
CA VAL A 33 8.77 -3.18 12.26
C VAL A 33 7.66 -3.12 11.21
N SER A 34 6.56 -2.49 11.60
CA SER A 34 5.41 -2.34 10.71
C SER A 34 4.88 -0.92 10.73
N THR A 35 4.88 -0.28 9.56
CA THR A 35 4.39 1.09 9.43
C THR A 35 3.54 1.25 8.18
N TRP A 36 2.65 2.23 8.21
CA TRP A 36 1.76 2.50 7.08
C TRP A 36 2.37 3.45 6.07
N HIS A 37 3.20 4.37 6.55
CA HIS A 37 3.84 5.35 5.69
C HIS A 37 5.06 4.76 4.99
N ASP A 38 5.27 5.17 3.74
CA ASP A 38 6.42 4.71 2.97
C ASP A 38 7.56 5.69 3.18
N PRO A 39 8.76 5.21 3.54
CA PRO A 39 9.91 6.10 3.78
C PRO A 39 10.28 6.93 2.56
N ARG A 40 10.59 6.26 1.45
CA ARG A 40 11.01 6.93 0.24
C ARG A 40 10.10 8.11 -0.11
N VAL A 41 8.80 7.96 0.13
CA VAL A 41 7.86 9.02 -0.15
C VAL A 41 7.70 9.93 1.08
N PRO A 42 7.42 11.23 0.86
CA PRO A 42 7.26 12.19 1.96
C PRO A 42 6.14 11.81 2.92
N ARG A 43 6.16 12.42 4.10
CA ARG A 43 5.16 12.16 5.13
C ARG A 43 3.86 12.89 4.83
N ASP A 44 3.95 14.21 4.69
CA ASP A 44 2.78 15.04 4.40
C ASP A 44 2.02 14.55 3.18
N LEU A 45 2.75 14.28 2.10
CA LEU A 45 2.12 13.81 0.87
C LEU A 45 2.26 12.30 0.71
N SER A 46 1.30 11.56 1.26
CA SER A 46 1.30 10.11 1.18
C SER A 46 0.15 9.63 0.30
N ASN A 47 -1.06 10.07 0.64
CA ASN A 47 -2.25 9.71 -0.13
C ASN A 47 -2.49 10.74 -1.24
N ILE A 48 -1.81 10.53 -2.37
CA ILE A 48 -1.92 11.46 -3.50
C ILE A 48 -2.89 10.94 -4.56
N ASN A 49 -3.48 11.88 -5.30
CA ASN A 49 -4.41 11.55 -6.37
C ASN A 49 -3.67 11.54 -7.70
N CYS A 50 -3.06 10.39 -8.01
CA CYS A 50 -2.29 10.22 -9.24
C CYS A 50 -2.99 10.81 -10.46
N GLU A 51 -4.31 10.92 -10.41
CA GLU A 51 -5.08 11.48 -11.53
C GLU A 51 -4.49 12.82 -11.99
N GLU A 52 -3.75 13.49 -11.12
CA GLU A 52 -3.14 14.78 -11.46
C GLU A 52 -1.72 14.60 -11.99
N LEU A 53 -1.11 13.46 -11.70
CA LEU A 53 0.24 13.17 -12.14
C LEU A 53 0.24 12.27 -13.38
N GLY A 54 -0.76 11.40 -13.45
CA GLY A 54 -0.86 10.48 -14.57
C GLY A 54 -1.88 9.38 -14.31
N PRO A 55 -2.53 8.86 -15.35
CA PRO A 55 -3.52 7.79 -15.22
C PRO A 55 -3.02 6.59 -14.40
N LEU A 56 -3.96 5.86 -13.83
CA LEU A 56 -3.64 4.67 -13.05
C LEU A 56 -3.12 3.57 -13.97
N PRO A 57 -2.07 2.82 -13.55
CA PRO A 57 -1.49 1.76 -14.39
C PRO A 57 -2.34 0.49 -14.42
N PRO A 58 -1.97 -0.48 -15.30
CA PRO A 58 -2.70 -1.74 -15.41
C PRO A 58 -2.90 -2.39 -14.05
N GLY A 59 -3.99 -3.12 -13.88
CA GLY A 59 -4.26 -3.80 -12.62
C GLY A 59 -4.34 -2.85 -11.43
N TRP A 60 -5.31 -1.94 -11.45
CA TRP A 60 -5.50 -0.98 -10.34
C TRP A 60 -6.92 -0.44 -10.29
N GLU A 61 -7.31 -0.01 -9.10
CA GLU A 61 -8.63 0.58 -8.88
C GLU A 61 -8.53 1.63 -7.77
N ILE A 62 -9.07 2.83 -8.01
CA ILE A 62 -9.01 3.90 -7.01
C ILE A 62 -10.26 3.91 -6.14
N ARG A 63 -10.07 4.10 -4.84
CA ARG A 63 -11.18 4.12 -3.90
C ARG A 63 -10.91 5.04 -2.72
N ASN A 64 -11.91 5.20 -1.85
CA ASN A 64 -11.79 6.05 -0.66
C ASN A 64 -12.06 5.24 0.59
N THR A 65 -11.25 5.46 1.63
CA THR A 65 -11.45 4.79 2.89
C THR A 65 -12.43 5.58 3.73
N ALA A 66 -13.04 4.94 4.72
CA ALA A 66 -14.04 5.57 5.58
C ALA A 66 -13.67 6.99 6.01
N THR A 67 -12.41 7.20 6.33
CA THR A 67 -11.96 8.53 6.75
C THR A 67 -11.88 9.48 5.55
N GLY A 68 -12.10 8.93 4.36
CA GLY A 68 -12.05 9.69 3.14
C GLY A 68 -10.67 9.66 2.55
N ARG A 69 -9.88 8.69 2.98
CA ARG A 69 -8.52 8.54 2.49
C ARG A 69 -8.48 7.53 1.36
N VAL A 70 -8.27 8.04 0.16
CA VAL A 70 -8.24 7.20 -1.03
C VAL A 70 -7.05 6.27 -1.06
N TYR A 71 -7.27 5.14 -1.70
CA TYR A 71 -6.25 4.11 -1.84
C TYR A 71 -6.28 3.56 -3.27
N PHE A 72 -5.76 2.35 -3.46
CA PHE A 72 -5.76 1.72 -4.78
C PHE A 72 -5.72 0.21 -4.64
N VAL A 73 -6.29 -0.48 -5.61
CA VAL A 73 -6.32 -1.94 -5.59
C VAL A 73 -5.61 -2.49 -6.83
N ASP A 74 -4.44 -3.07 -6.62
CA ASP A 74 -3.65 -3.63 -7.72
C ASP A 74 -3.95 -5.12 -7.92
N HIS A 75 -4.44 -5.48 -9.10
CA HIS A 75 -4.77 -6.87 -9.39
C HIS A 75 -3.59 -7.61 -10.02
N ASN A 76 -2.39 -7.05 -9.90
CA ASN A 76 -1.20 -7.70 -10.43
C ASN A 76 -0.64 -8.63 -9.38
N ASN A 77 -0.45 -8.08 -8.19
CA ASN A 77 0.03 -8.82 -7.04
C ASN A 77 -1.14 -9.13 -6.10
N ARG A 78 -2.36 -8.86 -6.57
CA ARG A 78 -3.59 -9.10 -5.81
C ARG A 78 -3.49 -8.54 -4.39
N THR A 79 -3.57 -7.21 -4.27
CA THR A 79 -3.49 -6.56 -2.97
C THR A 79 -4.12 -5.16 -3.00
N THR A 80 -4.18 -4.54 -1.83
CA THR A 80 -4.70 -3.18 -1.70
C THR A 80 -3.56 -2.26 -1.26
N GLN A 81 -3.39 -1.14 -1.94
CA GLN A 81 -2.30 -0.24 -1.61
C GLN A 81 -2.76 1.02 -0.89
N PHE A 82 -1.77 1.72 -0.33
CA PHE A 82 -1.99 2.97 0.37
C PHE A 82 -1.31 4.10 -0.38
N THR A 83 -0.03 3.88 -0.69
CA THR A 83 0.75 4.85 -1.45
C THR A 83 0.52 4.59 -2.95
N ASP A 84 0.58 5.65 -3.75
CA ASP A 84 0.34 5.51 -5.19
C ASP A 84 1.45 4.70 -5.88
N PRO A 85 1.14 4.14 -7.07
CA PRO A 85 2.09 3.34 -7.86
C PRO A 85 3.21 4.20 -8.45
N ARG A 86 2.91 5.48 -8.64
CA ARG A 86 3.87 6.42 -9.20
C ARG A 86 4.54 7.26 -8.13
N LEU A 87 3.85 7.46 -6.99
CA LEU A 87 4.38 8.27 -5.91
C LEU A 87 5.79 7.84 -5.55
N SER A 88 5.89 6.65 -4.99
CA SER A 88 7.18 6.08 -4.59
C SER A 88 8.16 6.08 -5.74
N ALA A 89 7.66 5.93 -6.96
CA ALA A 89 8.51 5.91 -8.14
C ALA A 89 8.55 7.28 -8.81
N ASN A 90 9.52 8.08 -8.39
CA ASN A 90 9.68 9.43 -8.95
C ASN A 90 11.16 9.76 -9.16
N GLY B 1 -15.03 -3.73 17.98
CA GLY B 1 -13.90 -4.69 18.13
C GLY B 1 -12.64 -4.23 17.42
N PRO B 2 -11.49 -4.26 18.09
CA PRO B 2 -10.22 -3.85 17.50
C PRO B 2 -9.59 -4.92 16.63
N LEU B 3 -9.09 -4.52 15.46
CA LEU B 3 -8.47 -5.47 14.53
C LEU B 3 -6.95 -5.33 14.58
N GLY B 4 -6.47 -4.09 14.52
CA GLY B 4 -5.04 -3.84 14.56
C GLY B 4 -4.71 -2.44 15.00
N SER B 5 -3.82 -2.32 15.98
CA SER B 5 -3.42 -1.02 16.51
C SER B 5 -4.61 -0.29 17.13
N GLU B 6 -4.38 0.92 17.63
CA GLU B 6 -5.43 1.72 18.25
C GLU B 6 -6.41 2.22 17.20
N LEU B 7 -5.89 2.90 16.18
CA LEU B 7 -6.72 3.43 15.10
C LEU B 7 -5.89 3.63 13.83
N GLU B 8 -5.21 2.57 13.41
CA GLU B 8 -4.37 2.64 12.22
C GLU B 8 -4.80 1.61 11.16
N SER B 9 -6.04 1.73 10.69
CA SER B 9 -6.54 0.83 9.66
C SER B 9 -7.02 1.61 8.44
N PRO B 10 -6.09 1.95 7.52
CA PRO B 10 -6.38 2.72 6.33
C PRO B 10 -6.76 1.87 5.09
N PRO B 11 -5.81 1.23 4.35
CA PRO B 11 -6.17 0.42 3.19
C PRO B 11 -6.82 -0.90 3.59
N PRO B 12 -8.03 -1.19 3.09
CA PRO B 12 -8.74 -2.43 3.41
C PRO B 12 -8.16 -3.64 2.68
N PRO B 13 -7.93 -4.76 3.41
CA PRO B 13 -7.38 -6.00 2.83
C PRO B 13 -7.86 -6.26 1.40
N TYR B 14 -7.11 -7.09 0.66
CA TYR B 14 -7.43 -7.36 -0.74
C TYR B 14 -8.35 -8.56 -0.99
N SER B 15 -9.01 -8.47 -2.14
CA SER B 15 -9.94 -9.50 -2.62
C SER B 15 -10.74 -8.99 -3.81
N ARG B 16 -10.06 -8.25 -4.69
CA ARG B 16 -10.71 -7.66 -5.87
C ARG B 16 -11.55 -6.46 -5.46
N TYR B 17 -12.06 -6.50 -4.23
CA TYR B 17 -12.88 -5.42 -3.68
C TYR B 17 -12.64 -5.34 -2.17
N PRO B 18 -12.86 -4.17 -1.56
CA PRO B 18 -12.65 -3.99 -0.12
C PRO B 18 -13.37 -5.05 0.71
N MET B 19 -12.67 -6.15 0.98
CA MET B 19 -13.26 -7.25 1.75
C MET B 19 -12.94 -7.10 3.24
N ASP B 20 -13.98 -7.21 4.07
CA ASP B 20 -13.83 -7.10 5.52
C ASP B 20 -13.00 -8.26 6.08
N GLY A 1 11.48 -14.93 9.66
CA GLY A 1 10.93 -15.65 8.49
C GLY A 1 11.52 -15.17 7.17
N PRO A 2 12.77 -15.54 6.87
CA PRO A 2 13.45 -15.13 5.64
C PRO A 2 13.11 -16.04 4.47
N LEU A 3 12.88 -15.44 3.31
CA LEU A 3 12.53 -16.20 2.11
C LEU A 3 13.45 -15.81 0.94
N GLY A 4 13.78 -14.54 0.84
CA GLY A 4 14.64 -14.06 -0.23
C GLY A 4 13.87 -13.81 -1.51
N GLY A 5 13.70 -12.54 -1.86
CA GLY A 5 12.99 -12.18 -3.06
C GLY A 5 13.52 -10.91 -3.70
N SER A 6 12.61 -10.06 -4.16
CA SER A 6 12.98 -8.80 -4.81
C SER A 6 12.32 -7.62 -4.10
N PRO A 7 13.08 -6.54 -3.81
CA PRO A 7 12.55 -5.36 -3.13
C PRO A 7 11.85 -4.41 -4.11
N PRO A 8 10.72 -3.81 -3.68
CA PRO A 8 9.96 -2.89 -4.53
C PRO A 8 10.47 -1.45 -4.44
N ASP A 9 11.78 -1.29 -4.44
CA ASP A 9 12.41 0.02 -4.38
C ASP A 9 12.08 0.75 -3.08
N LEU A 10 12.82 0.40 -2.02
CA LEU A 10 12.63 1.03 -0.71
C LEU A 10 13.94 1.65 -0.25
N PRO A 11 13.88 2.64 0.66
CA PRO A 11 15.08 3.31 1.17
C PRO A 11 15.84 2.45 2.18
N GLU A 12 16.17 1.23 1.76
CA GLU A 12 16.92 0.30 2.60
C GLU A 12 16.16 -0.08 3.87
N GLY A 13 16.03 -1.38 4.10
CA GLY A 13 15.38 -1.87 5.31
C GLY A 13 13.90 -2.16 5.18
N TYR A 14 13.23 -1.65 4.14
CA TYR A 14 11.80 -1.89 4.00
C TYR A 14 11.49 -2.93 2.92
N GLU A 15 10.36 -3.59 3.12
CA GLU A 15 9.90 -4.61 2.22
C GLU A 15 8.38 -4.60 2.23
N GLN A 16 7.78 -4.77 1.08
CA GLN A 16 6.35 -4.76 1.02
C GLN A 16 5.80 -6.04 1.63
N ARG A 17 4.71 -5.91 2.36
CA ARG A 17 4.09 -7.05 3.01
C ARG A 17 2.59 -7.00 2.85
N THR A 18 1.93 -8.15 2.93
CA THR A 18 0.49 -8.20 2.78
C THR A 18 -0.16 -9.00 3.90
N THR A 19 -1.33 -8.55 4.35
CA THR A 19 -2.05 -9.25 5.38
C THR A 19 -2.85 -10.38 4.75
N GLN A 20 -3.10 -11.43 5.52
CA GLN A 20 -3.85 -12.60 5.04
C GLN A 20 -4.86 -12.30 3.95
N GLN A 21 -5.59 -11.18 4.07
CA GLN A 21 -6.61 -10.84 3.08
C GLN A 21 -6.09 -9.91 1.98
N GLY A 22 -4.77 -9.83 1.82
CA GLY A 22 -4.20 -8.99 0.77
C GLY A 22 -4.08 -7.53 1.13
N GLN A 23 -3.65 -7.23 2.35
CA GLN A 23 -3.48 -5.85 2.77
C GLN A 23 -2.01 -5.46 2.74
N VAL A 24 -1.64 -4.60 1.79
CA VAL A 24 -0.24 -4.18 1.63
C VAL A 24 0.16 -3.12 2.65
N TYR A 25 1.27 -3.37 3.33
CA TYR A 25 1.82 -2.43 4.30
C TYR A 25 3.35 -2.38 4.18
N PHE A 26 3.99 -1.55 4.98
CA PHE A 26 5.45 -1.42 4.92
C PHE A 26 6.13 -1.94 6.18
N LEU A 27 6.95 -2.97 6.02
CA LEU A 27 7.64 -3.59 7.14
C LEU A 27 9.17 -3.42 7.04
N HIS A 28 9.78 -3.31 8.22
CA HIS A 28 11.24 -3.20 8.31
C HIS A 28 11.83 -4.56 8.58
N THR A 29 12.17 -5.27 7.51
CA THR A 29 12.74 -6.61 7.62
C THR A 29 13.86 -6.64 8.66
N GLN A 30 14.51 -5.51 8.86
CA GLN A 30 15.61 -5.39 9.81
C GLN A 30 15.14 -5.60 11.25
N THR A 31 14.22 -4.76 11.69
CA THR A 31 13.71 -4.84 13.05
C THR A 31 12.27 -5.34 13.10
N GLY A 32 11.84 -5.99 12.02
CA GLY A 32 10.48 -6.50 11.97
C GLY A 32 9.45 -5.44 12.29
N VAL A 33 9.76 -4.20 11.93
CA VAL A 33 8.86 -3.09 12.17
C VAL A 33 7.76 -3.00 11.12
N SER A 34 6.65 -2.39 11.51
CA SER A 34 5.51 -2.23 10.60
C SER A 34 5.01 -0.79 10.58
N THR A 35 5.08 -0.16 9.42
CA THR A 35 4.61 1.22 9.26
C THR A 35 3.68 1.34 8.06
N TRP A 36 2.75 2.28 8.15
CA TRP A 36 1.77 2.50 7.10
C TRP A 36 2.29 3.42 5.99
N HIS A 37 3.17 4.33 6.34
CA HIS A 37 3.71 5.27 5.36
C HIS A 37 4.95 4.71 4.66
N ASP A 38 5.13 5.09 3.40
CA ASP A 38 6.29 4.67 2.64
C ASP A 38 7.46 5.60 3.00
N PRO A 39 8.59 5.04 3.47
CA PRO A 39 9.73 5.85 3.89
C PRO A 39 10.41 6.61 2.76
N ARG A 40 10.25 6.14 1.52
CA ARG A 40 10.86 6.81 0.39
C ARG A 40 10.09 8.08 0.02
N VAL A 41 8.77 8.00 0.05
CA VAL A 41 7.94 9.15 -0.26
C VAL A 41 7.69 10.00 0.99
N PRO A 42 7.29 11.28 0.81
CA PRO A 42 7.04 12.18 1.93
C PRO A 42 5.81 11.76 2.72
N ARG A 43 5.92 11.86 4.04
CA ARG A 43 4.83 11.50 4.93
C ARG A 43 3.68 12.49 4.79
N ASP A 44 4.03 13.77 4.86
CA ASP A 44 3.05 14.84 4.77
C ASP A 44 2.16 14.66 3.55
N LEU A 45 2.69 14.00 2.52
CA LEU A 45 1.94 13.77 1.29
C LEU A 45 2.13 12.34 0.79
N SER A 46 1.43 11.40 1.44
CA SER A 46 1.51 10.00 1.05
C SER A 46 0.24 9.60 0.30
N ASN A 47 -0.90 10.10 0.79
CA ASN A 47 -2.19 9.80 0.16
C ASN A 47 -2.36 10.65 -1.09
N ILE A 48 -1.46 10.49 -2.05
CA ILE A 48 -1.51 11.25 -3.29
C ILE A 48 -2.48 10.62 -4.28
N ASN A 49 -3.15 11.47 -5.05
CA ASN A 49 -4.09 11.00 -6.06
C ASN A 49 -3.45 11.05 -7.43
N CYS A 50 -3.03 9.87 -7.93
CA CYS A 50 -2.38 9.78 -9.22
C CYS A 50 -3.16 10.50 -10.33
N GLU A 51 -4.45 10.73 -10.09
CA GLU A 51 -5.28 11.42 -11.06
C GLU A 51 -4.65 12.75 -11.47
N GLU A 52 -3.78 13.28 -10.62
CA GLU A 52 -3.11 14.55 -10.89
C GLU A 52 -1.78 14.34 -11.62
N LEU A 53 -1.32 13.09 -11.64
CA LEU A 53 -0.05 12.77 -12.30
C LEU A 53 -0.29 11.99 -13.59
N GLY A 54 -1.45 11.36 -13.70
CA GLY A 54 -1.76 10.59 -14.90
C GLY A 54 -2.72 9.44 -14.61
N PRO A 55 -2.97 8.57 -15.60
CA PRO A 55 -3.88 7.44 -15.44
C PRO A 55 -3.31 6.32 -14.57
N LEU A 56 -4.20 5.56 -13.95
CA LEU A 56 -3.84 4.45 -13.09
C LEU A 56 -3.31 3.29 -13.94
N PRO A 57 -2.22 2.62 -13.50
CA PRO A 57 -1.65 1.51 -14.25
C PRO A 57 -2.71 0.46 -14.57
N PRO A 58 -2.47 -0.45 -15.52
CA PRO A 58 -3.48 -1.45 -15.86
C PRO A 58 -3.51 -2.59 -14.86
N GLY A 59 -4.60 -2.62 -14.10
CA GLY A 59 -4.77 -3.61 -13.05
C GLY A 59 -4.84 -2.94 -11.70
N TRP A 60 -5.64 -1.89 -11.62
CA TRP A 60 -5.79 -1.12 -10.39
C TRP A 60 -7.19 -0.55 -10.26
N GLU A 61 -7.49 -0.04 -9.07
CA GLU A 61 -8.78 0.58 -8.79
C GLU A 61 -8.64 1.54 -7.60
N ILE A 62 -9.05 2.79 -7.79
CA ILE A 62 -8.96 3.77 -6.71
C ILE A 62 -10.25 3.84 -5.93
N ARG A 63 -10.13 4.10 -4.64
CA ARG A 63 -11.31 4.20 -3.78
C ARG A 63 -11.07 5.14 -2.61
N ASN A 64 -12.10 5.32 -1.80
CA ASN A 64 -12.01 6.16 -0.62
C ASN A 64 -12.34 5.35 0.62
N THR A 65 -11.61 5.57 1.69
CA THR A 65 -11.88 4.86 2.94
C THR A 65 -12.84 5.70 3.77
N ALA A 66 -13.53 5.05 4.71
CA ALA A 66 -14.52 5.74 5.55
C ALA A 66 -14.05 7.10 6.06
N THR A 67 -12.81 7.21 6.46
CA THR A 67 -12.28 8.48 6.94
C THR A 67 -12.07 9.44 5.77
N GLY A 68 -12.13 8.87 4.57
CA GLY A 68 -11.94 9.65 3.35
C GLY A 68 -10.56 9.46 2.80
N ARG A 69 -9.92 8.37 3.20
CA ARG A 69 -8.56 8.07 2.75
C ARG A 69 -8.56 7.18 1.54
N VAL A 70 -8.27 7.78 0.40
CA VAL A 70 -8.23 7.07 -0.86
C VAL A 70 -7.04 6.11 -0.92
N TYR A 71 -7.25 4.98 -1.56
CA TYR A 71 -6.22 3.98 -1.74
C TYR A 71 -6.26 3.46 -3.19
N PHE A 72 -5.68 2.29 -3.42
CA PHE A 72 -5.67 1.70 -4.75
C PHE A 72 -5.66 0.18 -4.66
N VAL A 73 -6.32 -0.46 -5.61
CA VAL A 73 -6.39 -1.91 -5.63
C VAL A 73 -5.67 -2.46 -6.86
N ASP A 74 -4.50 -3.06 -6.64
CA ASP A 74 -3.71 -3.62 -7.73
C ASP A 74 -4.01 -5.10 -7.92
N HIS A 75 -4.60 -5.44 -9.06
CA HIS A 75 -4.96 -6.83 -9.36
C HIS A 75 -3.77 -7.64 -9.87
N ASN A 76 -2.62 -7.00 -10.03
CA ASN A 76 -1.43 -7.70 -10.49
C ASN A 76 -0.95 -8.65 -9.40
N ASN A 77 -0.91 -8.14 -8.18
CA ASN A 77 -0.50 -8.94 -7.03
C ASN A 77 -1.67 -9.15 -6.08
N ARG A 78 -2.86 -8.70 -6.50
CA ARG A 78 -4.06 -8.83 -5.69
C ARG A 78 -3.86 -8.18 -4.32
N THR A 79 -3.86 -6.85 -4.29
CA THR A 79 -3.63 -6.15 -3.03
C THR A 79 -4.22 -4.73 -3.03
N THR A 80 -4.18 -4.11 -1.85
CA THR A 80 -4.64 -2.73 -1.68
C THR A 80 -3.45 -1.91 -1.20
N GLN A 81 -3.19 -0.76 -1.84
CA GLN A 81 -2.03 0.02 -1.47
C GLN A 81 -2.35 1.47 -1.14
N PHE A 82 -1.62 2.00 -0.17
CA PHE A 82 -1.77 3.37 0.28
C PHE A 82 -1.03 4.31 -0.67
N THR A 83 0.20 3.94 -1.00
CA THR A 83 1.03 4.73 -1.90
C THR A 83 0.73 4.35 -3.34
N ASP A 84 0.64 5.35 -4.20
CA ASP A 84 0.34 5.14 -5.62
C ASP A 84 1.46 4.40 -6.34
N PRO A 85 1.15 3.84 -7.52
CA PRO A 85 2.10 3.10 -8.34
C PRO A 85 3.23 3.99 -8.89
N ARG A 86 2.91 5.28 -9.06
CA ARG A 86 3.89 6.24 -9.57
C ARG A 86 4.51 7.09 -8.44
N LEU A 87 3.79 7.22 -7.34
CA LEU A 87 4.26 8.03 -6.22
C LEU A 87 5.69 7.69 -5.84
N SER A 88 5.88 6.49 -5.31
CA SER A 88 7.19 6.00 -4.90
C SER A 88 8.29 6.42 -5.89
N ALA A 89 7.92 6.51 -7.16
CA ALA A 89 8.87 6.91 -8.20
C ALA A 89 8.47 8.23 -8.83
N ASN A 90 8.25 9.24 -7.99
CA ASN A 90 7.86 10.56 -8.47
C ASN A 90 9.07 11.32 -9.04
N GLY B 1 -9.01 -9.84 10.52
CA GLY B 1 -10.31 -9.40 11.09
C GLY B 1 -10.15 -8.58 12.35
N PRO B 2 -10.08 -9.22 13.52
CA PRO B 2 -9.93 -8.52 14.80
C PRO B 2 -8.51 -7.99 15.00
N LEU B 3 -8.27 -7.35 16.14
CA LEU B 3 -6.96 -6.79 16.45
C LEU B 3 -6.56 -5.75 15.41
N GLY B 4 -5.67 -4.84 15.81
CA GLY B 4 -5.21 -3.80 14.92
C GLY B 4 -3.69 -3.73 14.84
N SER B 5 -3.18 -3.01 13.85
CA SER B 5 -1.74 -2.86 13.69
C SER B 5 -1.15 -2.02 14.82
N GLU B 6 0.16 -1.78 14.74
CA GLU B 6 0.84 -0.99 15.75
C GLU B 6 0.29 0.43 15.80
N LEU B 7 -0.12 0.94 14.65
CA LEU B 7 -0.65 2.30 14.57
C LEU B 7 -1.78 2.43 13.54
N GLU B 8 -3.00 2.08 13.95
CA GLU B 8 -4.16 2.19 13.08
C GLU B 8 -4.06 1.27 11.85
N SER B 9 -5.21 0.91 11.28
CA SER B 9 -5.24 0.07 10.09
C SER B 9 -6.22 0.64 9.06
N PRO B 10 -5.75 1.59 8.23
CA PRO B 10 -6.55 2.28 7.20
C PRO B 10 -6.89 1.44 5.95
N PRO B 11 -5.94 1.18 5.01
CA PRO B 11 -6.24 0.42 3.79
C PRO B 11 -6.87 -0.95 4.06
N PRO B 12 -8.16 -1.11 3.74
CA PRO B 12 -8.86 -2.39 3.94
C PRO B 12 -8.32 -3.48 3.02
N PRO B 13 -7.90 -4.63 3.58
CA PRO B 13 -7.36 -5.75 2.82
C PRO B 13 -7.94 -5.92 1.43
N TYR B 14 -7.20 -6.61 0.57
CA TYR B 14 -7.57 -6.83 -0.82
C TYR B 14 -8.77 -7.76 -0.99
N SER B 15 -9.56 -7.47 -2.01
CA SER B 15 -10.75 -8.26 -2.35
C SER B 15 -11.57 -7.54 -3.42
N ARG B 16 -10.89 -6.79 -4.29
CA ARG B 16 -11.56 -6.04 -5.35
C ARG B 16 -12.32 -4.83 -4.77
N TYR B 17 -12.60 -4.89 -3.47
CA TYR B 17 -13.31 -3.83 -2.77
C TYR B 17 -12.73 -3.68 -1.36
N PRO B 18 -13.03 -2.57 -0.66
CA PRO B 18 -12.51 -2.36 0.69
C PRO B 18 -13.11 -3.32 1.71
N MET B 19 -12.33 -4.35 2.07
CA MET B 19 -12.78 -5.35 3.04
C MET B 19 -12.12 -5.13 4.40
N ASP B 20 -12.94 -5.04 5.44
CA ASP B 20 -12.43 -4.82 6.79
C ASP B 20 -13.52 -5.07 7.82
N GLY A 1 14.66 -18.30 -11.75
CA GLY A 1 14.61 -19.79 -11.69
C GLY A 1 13.38 -20.30 -10.97
N PRO A 2 13.49 -21.42 -10.24
CA PRO A 2 12.36 -22.00 -9.50
C PRO A 2 11.86 -21.08 -8.40
N LEU A 3 12.78 -20.60 -7.57
CA LEU A 3 12.43 -19.70 -6.48
C LEU A 3 12.75 -18.25 -6.82
N GLY A 4 11.83 -17.34 -6.52
CA GLY A 4 12.05 -15.94 -6.82
C GLY A 4 10.78 -15.12 -6.68
N GLY A 5 10.93 -13.85 -6.30
CA GLY A 5 9.78 -12.98 -6.14
C GLY A 5 9.90 -11.71 -6.95
N SER A 6 9.13 -10.68 -6.56
CA SER A 6 9.15 -9.41 -7.25
C SER A 6 9.13 -8.25 -6.26
N PRO A 7 10.30 -7.72 -5.89
CA PRO A 7 10.40 -6.61 -4.94
C PRO A 7 10.10 -5.26 -5.60
N PRO A 8 9.34 -4.39 -4.91
CA PRO A 8 8.97 -3.06 -5.43
C PRO A 8 10.03 -2.00 -5.14
N ASP A 9 11.29 -2.39 -5.19
CA ASP A 9 12.40 -1.48 -4.95
C ASP A 9 12.19 -0.67 -3.67
N LEU A 10 11.92 -1.36 -2.58
CA LEU A 10 11.70 -0.71 -1.29
C LEU A 10 12.99 -0.10 -0.77
N PRO A 11 12.88 1.01 -0.02
CA PRO A 11 14.04 1.71 0.55
C PRO A 11 14.95 0.80 1.37
N GLU A 12 15.81 1.41 2.17
CA GLU A 12 16.75 0.68 3.01
C GLU A 12 16.07 0.15 4.27
N GLY A 13 15.98 -1.17 4.37
CA GLY A 13 15.39 -1.79 5.55
C GLY A 13 13.92 -2.11 5.41
N TYR A 14 13.24 -1.53 4.44
CA TYR A 14 11.81 -1.78 4.26
C TYR A 14 11.54 -2.85 3.22
N GLU A 15 10.48 -3.61 3.47
CA GLU A 15 10.05 -4.66 2.59
C GLU A 15 8.54 -4.64 2.58
N GLN A 16 7.97 -4.73 1.40
CA GLN A 16 6.53 -4.71 1.32
C GLN A 16 5.99 -6.03 1.83
N ARG A 17 4.86 -5.96 2.51
CA ARG A 17 4.23 -7.16 3.04
C ARG A 17 2.73 -7.07 2.87
N THR A 18 2.04 -8.16 3.13
CA THR A 18 0.59 -8.18 2.98
C THR A 18 -0.09 -8.91 4.13
N THR A 19 -1.26 -8.43 4.52
CA THR A 19 -2.02 -9.07 5.58
C THR A 19 -2.86 -10.18 4.99
N GLN A 20 -3.13 -11.20 5.80
CA GLN A 20 -3.90 -12.37 5.39
C GLN A 20 -4.87 -12.12 4.23
N GLN A 21 -5.59 -11.01 4.26
CA GLN A 21 -6.57 -10.73 3.21
C GLN A 21 -6.03 -9.84 2.07
N GLY A 22 -4.71 -9.74 1.95
CA GLY A 22 -4.12 -8.94 0.87
C GLY A 22 -4.01 -7.47 1.19
N GLN A 23 -3.52 -7.14 2.38
CA GLN A 23 -3.36 -5.73 2.76
C GLN A 23 -1.87 -5.36 2.73
N VAL A 24 -1.49 -4.57 1.73
CA VAL A 24 -0.10 -4.17 1.58
C VAL A 24 0.30 -3.11 2.60
N TYR A 25 1.39 -3.38 3.32
CA TYR A 25 1.92 -2.44 4.30
C TYR A 25 3.44 -2.37 4.17
N PHE A 26 4.09 -1.61 5.05
CA PHE A 26 5.53 -1.46 4.98
C PHE A 26 6.21 -1.93 6.25
N LEU A 27 7.06 -2.96 6.12
CA LEU A 27 7.74 -3.54 7.27
C LEU A 27 9.26 -3.35 7.20
N HIS A 28 9.84 -3.23 8.39
CA HIS A 28 11.29 -3.10 8.54
C HIS A 28 11.88 -4.44 8.91
N THR A 29 12.36 -5.17 7.91
CA THR A 29 12.94 -6.50 8.14
C THR A 29 14.02 -6.46 9.21
N GLN A 30 14.65 -5.29 9.36
CA GLN A 30 15.72 -5.11 10.33
C GLN A 30 15.24 -5.35 11.77
N THR A 31 14.26 -4.56 12.20
CA THR A 31 13.72 -4.68 13.55
C THR A 31 12.36 -5.34 13.56
N GLY A 32 11.82 -5.62 12.37
CA GLY A 32 10.51 -6.23 12.28
C GLY A 32 9.41 -5.23 12.55
N VAL A 33 9.68 -3.97 12.20
CA VAL A 33 8.73 -2.89 12.40
C VAL A 33 7.71 -2.82 11.28
N SER A 34 6.56 -2.23 11.60
CA SER A 34 5.49 -2.09 10.62
C SER A 34 4.97 -0.66 10.57
N THR A 35 5.09 -0.04 9.39
CA THR A 35 4.63 1.33 9.19
C THR A 35 3.73 1.41 7.97
N TRP A 36 2.76 2.31 8.00
CA TRP A 36 1.82 2.47 6.91
C TRP A 36 2.36 3.36 5.78
N HIS A 37 3.22 4.31 6.12
CA HIS A 37 3.79 5.21 5.13
C HIS A 37 5.02 4.61 4.47
N ASP A 38 5.23 4.92 3.19
CA ASP A 38 6.39 4.44 2.45
C ASP A 38 7.58 5.33 2.76
N PRO A 39 8.79 4.74 2.97
CA PRO A 39 9.98 5.53 3.28
C PRO A 39 10.47 6.36 2.10
N ARG A 40 10.17 5.89 0.88
CA ARG A 40 10.58 6.59 -0.32
C ARG A 40 9.88 7.94 -0.41
N VAL A 41 8.58 7.93 -0.20
CA VAL A 41 7.79 9.15 -0.27
C VAL A 41 7.66 9.81 1.12
N PRO A 42 7.62 11.15 1.17
CA PRO A 42 7.51 11.90 2.42
C PRO A 42 6.08 11.96 2.96
N ARG A 43 5.97 12.31 4.23
CA ARG A 43 4.67 12.43 4.89
C ARG A 43 3.84 13.53 4.23
N ASP A 44 4.50 14.66 3.97
CA ASP A 44 3.85 15.80 3.35
C ASP A 44 2.92 15.40 2.22
N LEU A 45 3.34 14.40 1.44
CA LEU A 45 2.52 13.91 0.32
C LEU A 45 2.54 12.39 0.25
N SER A 46 1.49 11.76 0.77
CA SER A 46 1.37 10.31 0.74
C SER A 46 0.04 9.90 0.12
N ASN A 47 -1.05 10.40 0.69
CA ASN A 47 -2.39 10.10 0.20
C ASN A 47 -2.71 10.99 -0.99
N ILE A 48 -1.98 10.79 -2.08
CA ILE A 48 -2.17 11.59 -3.30
C ILE A 48 -3.14 10.91 -4.25
N ASN A 49 -3.82 11.72 -5.05
CA ASN A 49 -4.76 11.21 -6.04
C ASN A 49 -4.09 11.19 -7.40
N CYS A 50 -3.47 10.06 -7.72
CA CYS A 50 -2.76 9.90 -8.99
C CYS A 50 -3.54 10.49 -10.16
N GLU A 51 -4.87 10.49 -10.06
CA GLU A 51 -5.71 11.03 -11.11
C GLU A 51 -5.36 12.49 -11.39
N GLU A 52 -4.76 13.16 -10.40
CA GLU A 52 -4.36 14.55 -10.54
C GLU A 52 -3.01 14.68 -11.23
N LEU A 53 -2.30 13.56 -11.32
CA LEU A 53 -0.98 13.54 -11.96
C LEU A 53 -1.04 12.77 -13.27
N GLY A 54 -2.06 11.94 -13.43
CA GLY A 54 -2.20 11.16 -14.64
C GLY A 54 -3.16 10.00 -14.45
N PRO A 55 -3.16 9.02 -15.37
CA PRO A 55 -4.03 7.86 -15.31
C PRO A 55 -3.47 6.73 -14.46
N LEU A 56 -4.35 5.86 -13.99
CA LEU A 56 -3.97 4.72 -13.17
C LEU A 56 -3.52 3.57 -14.08
N PRO A 57 -2.37 2.93 -13.78
CA PRO A 57 -1.87 1.84 -14.61
C PRO A 57 -2.88 0.71 -14.70
N PRO A 58 -2.92 -0.03 -15.84
CA PRO A 58 -3.89 -1.11 -15.99
C PRO A 58 -3.64 -2.22 -14.99
N GLY A 59 -4.57 -2.35 -14.05
CA GLY A 59 -4.45 -3.32 -12.99
C GLY A 59 -4.48 -2.63 -11.65
N TRP A 60 -5.39 -1.66 -11.53
CA TRP A 60 -5.54 -0.87 -10.32
C TRP A 60 -6.98 -0.38 -10.18
N GLU A 61 -7.31 0.14 -9.01
CA GLU A 61 -8.64 0.67 -8.76
C GLU A 61 -8.60 1.69 -7.63
N ILE A 62 -9.12 2.89 -7.89
CA ILE A 62 -9.14 3.94 -6.87
C ILE A 62 -10.32 3.78 -5.93
N ARG A 63 -10.08 3.91 -4.63
CA ARG A 63 -11.16 3.77 -3.67
C ARG A 63 -10.98 4.71 -2.48
N ASN A 64 -12.02 4.80 -1.65
CA ASN A 64 -11.99 5.67 -0.48
C ASN A 64 -12.17 4.85 0.79
N THR A 65 -11.35 5.15 1.80
CA THR A 65 -11.46 4.46 3.07
C THR A 65 -12.54 5.15 3.89
N ALA A 66 -13.09 4.43 4.85
CA ALA A 66 -14.19 4.94 5.69
C ALA A 66 -13.97 6.37 6.15
N THR A 67 -12.72 6.74 6.44
CA THR A 67 -12.42 8.09 6.88
C THR A 67 -12.40 9.05 5.69
N GLY A 68 -12.47 8.49 4.49
CA GLY A 68 -12.45 9.28 3.29
C GLY A 68 -11.07 9.32 2.69
N ARG A 69 -10.23 8.38 3.11
CA ARG A 69 -8.85 8.33 2.63
C ARG A 69 -8.72 7.34 1.49
N VAL A 70 -8.49 7.90 0.31
CA VAL A 70 -8.37 7.12 -0.90
C VAL A 70 -7.09 6.29 -0.93
N TYR A 71 -7.21 5.14 -1.60
CA TYR A 71 -6.09 4.22 -1.79
C TYR A 71 -6.18 3.64 -3.21
N PHE A 72 -5.63 2.46 -3.44
CA PHE A 72 -5.68 1.84 -4.76
C PHE A 72 -5.66 0.33 -4.66
N VAL A 73 -6.38 -0.32 -5.57
CA VAL A 73 -6.44 -1.76 -5.61
C VAL A 73 -5.77 -2.30 -6.87
N ASP A 74 -4.60 -2.91 -6.68
CA ASP A 74 -3.85 -3.47 -7.81
C ASP A 74 -4.10 -4.96 -7.94
N HIS A 75 -4.64 -5.36 -9.09
CA HIS A 75 -4.96 -6.75 -9.34
C HIS A 75 -3.76 -7.53 -9.90
N ASN A 76 -2.65 -6.84 -10.14
CA ASN A 76 -1.45 -7.50 -10.65
C ASN A 76 -0.95 -8.51 -9.64
N ASN A 77 -0.99 -8.11 -8.36
CA ASN A 77 -0.56 -8.97 -7.26
C ASN A 77 -1.67 -9.12 -6.23
N ARG A 78 -2.90 -8.80 -6.64
CA ARG A 78 -4.08 -8.90 -5.78
C ARG A 78 -3.81 -8.30 -4.41
N THR A 79 -3.79 -6.97 -4.34
CA THR A 79 -3.55 -6.26 -3.07
C THR A 79 -4.10 -4.82 -3.12
N THR A 80 -4.03 -4.14 -1.98
CA THR A 80 -4.48 -2.75 -1.85
C THR A 80 -3.32 -1.91 -1.35
N GLN A 81 -3.03 -0.78 -2.00
CA GLN A 81 -1.88 0.03 -1.59
C GLN A 81 -2.24 1.49 -1.26
N PHE A 82 -1.41 2.07 -0.41
CA PHE A 82 -1.56 3.47 0.03
C PHE A 82 -0.80 4.42 -0.88
N THR A 83 0.47 4.12 -1.10
CA THR A 83 1.32 4.94 -1.96
C THR A 83 0.96 4.71 -3.42
N ASP A 84 0.82 5.79 -4.19
CA ASP A 84 0.45 5.68 -5.60
C ASP A 84 1.55 5.01 -6.40
N PRO A 85 1.22 4.53 -7.62
CA PRO A 85 2.18 3.86 -8.50
C PRO A 85 3.25 4.81 -9.04
N ARG A 86 2.88 6.08 -9.19
CA ARG A 86 3.81 7.08 -9.70
C ARG A 86 4.43 7.93 -8.60
N LEU A 87 3.74 8.03 -7.46
CA LEU A 87 4.21 8.85 -6.35
C LEU A 87 5.70 8.67 -6.09
N SER A 88 6.03 7.48 -5.61
CA SER A 88 7.41 7.14 -5.30
C SER A 88 8.32 7.24 -6.52
N ALA A 89 7.74 7.32 -7.71
CA ALA A 89 8.52 7.43 -8.93
C ALA A 89 8.82 8.87 -9.31
N ASN A 90 8.88 9.75 -8.31
CA ASN A 90 9.17 11.16 -8.56
C ASN A 90 9.49 11.89 -7.25
N GLY B 1 -17.75 -7.81 10.21
CA GLY B 1 -17.02 -7.08 9.14
C GLY B 1 -15.79 -6.38 9.65
N PRO B 2 -15.91 -5.12 10.11
CA PRO B 2 -14.78 -4.34 10.63
C PRO B 2 -14.36 -4.80 12.02
N LEU B 3 -13.11 -5.24 12.14
CA LEU B 3 -12.57 -5.71 13.41
C LEU B 3 -11.38 -4.86 13.84
N GLY B 4 -10.41 -4.71 12.94
CA GLY B 4 -9.24 -3.92 13.25
C GLY B 4 -8.26 -4.64 14.15
N SER B 5 -6.98 -4.30 14.01
CA SER B 5 -5.93 -4.93 14.82
C SER B 5 -5.45 -3.97 15.90
N GLU B 6 -4.43 -4.39 16.64
CA GLU B 6 -3.87 -3.56 17.71
C GLU B 6 -3.37 -2.22 17.16
N LEU B 7 -3.12 -2.16 15.85
CA LEU B 7 -2.64 -0.94 15.22
C LEU B 7 -3.69 -0.35 14.28
N GLU B 8 -3.34 0.73 13.60
CA GLU B 8 -4.25 1.39 12.68
C GLU B 8 -4.51 0.54 11.44
N SER B 9 -5.78 0.43 11.05
CA SER B 9 -6.13 -0.35 9.86
C SER B 9 -6.84 0.53 8.83
N PRO B 10 -6.06 1.22 7.98
CA PRO B 10 -6.54 2.12 6.95
C PRO B 10 -6.86 1.43 5.61
N PRO B 11 -5.86 1.03 4.77
CA PRO B 11 -6.15 0.38 3.48
C PRO B 11 -6.82 -0.99 3.67
N PRO B 12 -8.09 -1.11 3.26
CA PRO B 12 -8.83 -2.37 3.39
C PRO B 12 -8.18 -3.49 2.57
N PRO B 13 -7.81 -4.61 3.21
CA PRO B 13 -7.18 -5.75 2.55
C PRO B 13 -7.78 -6.05 1.17
N TYR B 14 -7.06 -6.83 0.38
CA TYR B 14 -7.48 -7.17 -0.96
C TYR B 14 -8.56 -8.25 -1.05
N SER B 15 -9.43 -8.05 -2.03
CA SER B 15 -10.54 -8.96 -2.32
C SER B 15 -11.37 -8.39 -3.46
N ARG B 16 -10.70 -7.76 -4.43
CA ARG B 16 -11.34 -7.13 -5.56
C ARG B 16 -12.09 -5.86 -5.13
N TYR B 17 -12.42 -5.79 -3.84
CA TYR B 17 -13.10 -4.64 -3.27
C TYR B 17 -12.60 -4.42 -1.85
N PRO B 18 -12.96 -3.28 -1.22
CA PRO B 18 -12.52 -2.98 0.15
C PRO B 18 -13.06 -4.00 1.14
N MET B 19 -12.40 -5.15 1.22
CA MET B 19 -12.84 -6.21 2.11
C MET B 19 -11.91 -6.33 3.32
N ASP B 20 -12.50 -6.50 4.49
CA ASP B 20 -11.75 -6.64 5.73
C ASP B 20 -12.29 -7.80 6.56
N GLY A 1 24.04 -21.47 -1.93
CA GLY A 1 23.95 -19.98 -1.99
C GLY A 1 23.05 -19.49 -3.11
N PRO A 2 21.73 -19.48 -2.89
CA PRO A 2 20.77 -19.03 -3.91
C PRO A 2 20.88 -17.53 -4.18
N LEU A 3 20.56 -16.72 -3.17
CA LEU A 3 20.62 -15.27 -3.30
C LEU A 3 20.84 -14.62 -1.93
N GLY A 4 19.81 -14.65 -1.10
CA GLY A 4 19.91 -14.06 0.23
C GLY A 4 18.94 -12.91 0.42
N GLY A 5 17.74 -13.04 -0.14
CA GLY A 5 16.74 -12.00 -0.02
C GLY A 5 16.94 -10.87 -1.01
N SER A 6 15.84 -10.41 -1.61
CA SER A 6 15.89 -9.33 -2.59
C SER A 6 14.81 -8.30 -2.33
N PRO A 7 15.19 -7.07 -1.89
CA PRO A 7 14.23 -6.01 -1.59
C PRO A 7 13.40 -5.62 -2.81
N PRO A 8 12.07 -5.42 -2.62
CA PRO A 8 11.17 -5.04 -3.70
C PRO A 8 11.14 -3.53 -3.91
N ASP A 9 12.32 -2.94 -4.07
CA ASP A 9 12.44 -1.51 -4.28
C ASP A 9 11.96 -0.73 -3.06
N LEU A 10 12.69 -0.86 -1.95
CA LEU A 10 12.35 -0.17 -0.71
C LEU A 10 13.49 0.76 -0.28
N PRO A 11 13.20 1.73 0.59
CA PRO A 11 14.19 2.70 1.07
C PRO A 11 15.18 2.08 2.06
N GLU A 12 15.78 0.97 1.66
CA GLU A 12 16.76 0.28 2.50
C GLU A 12 16.16 -0.13 3.85
N GLY A 13 16.10 -1.44 4.07
CA GLY A 13 15.60 -1.94 5.33
C GLY A 13 14.11 -2.26 5.33
N TYR A 14 13.36 -1.76 4.35
CA TYR A 14 11.94 -2.01 4.30
C TYR A 14 11.58 -3.09 3.29
N GLU A 15 10.45 -3.71 3.54
CA GLU A 15 9.94 -4.76 2.68
C GLU A 15 8.44 -4.67 2.69
N GLN A 16 7.84 -4.78 1.52
CA GLN A 16 6.40 -4.71 1.45
C GLN A 16 5.81 -6.01 1.95
N ARG A 17 4.73 -5.91 2.68
CA ARG A 17 4.08 -7.10 3.21
C ARG A 17 2.58 -7.01 3.02
N THR A 18 1.94 -8.17 2.88
CA THR A 18 0.50 -8.23 2.70
C THR A 18 -0.17 -8.93 3.87
N THR A 19 -1.25 -8.35 4.36
CA THR A 19 -1.98 -8.93 5.49
C THR A 19 -2.99 -9.96 4.99
N GLN A 20 -2.82 -11.20 5.45
CA GLN A 20 -3.66 -12.35 5.10
C GLN A 20 -4.57 -12.14 3.87
N GLN A 21 -5.38 -11.08 3.88
CA GLN A 21 -6.29 -10.82 2.76
C GLN A 21 -5.69 -9.92 1.68
N GLY A 22 -4.39 -9.65 1.75
CA GLY A 22 -3.78 -8.83 0.72
C GLY A 22 -3.67 -7.36 1.04
N GLN A 23 -3.40 -7.01 2.29
CA GLN A 23 -3.25 -5.60 2.66
C GLN A 23 -1.78 -5.22 2.59
N VAL A 24 -1.43 -4.37 1.63
CA VAL A 24 -0.04 -3.96 1.46
C VAL A 24 0.39 -2.95 2.51
N TYR A 25 1.41 -3.31 3.26
CA TYR A 25 1.97 -2.43 4.28
C TYR A 25 3.49 -2.46 4.22
N PHE A 26 4.15 -1.56 4.95
CA PHE A 26 5.61 -1.48 4.91
C PHE A 26 6.23 -1.93 6.23
N LEU A 27 7.08 -2.95 6.13
CA LEU A 27 7.74 -3.53 7.31
C LEU A 27 9.27 -3.46 7.23
N HIS A 28 9.89 -3.30 8.39
CA HIS A 28 11.35 -3.29 8.50
C HIS A 28 11.83 -4.69 8.85
N THR A 29 12.09 -5.49 7.82
CA THR A 29 12.55 -6.86 8.01
C THR A 29 13.68 -6.94 9.04
N GLN A 30 14.41 -5.84 9.18
CA GLN A 30 15.52 -5.78 10.12
C GLN A 30 15.06 -5.87 11.57
N THR A 31 14.23 -4.93 11.98
CA THR A 31 13.73 -4.88 13.36
C THR A 31 12.27 -5.32 13.42
N GLY A 32 11.78 -5.94 12.34
CA GLY A 32 10.40 -6.39 12.32
C GLY A 32 9.42 -5.26 12.59
N VAL A 33 9.78 -4.05 12.15
CA VAL A 33 8.93 -2.89 12.35
C VAL A 33 7.86 -2.79 11.28
N SER A 34 6.77 -2.11 11.62
CA SER A 34 5.66 -1.94 10.70
C SER A 34 5.20 -0.48 10.61
N THR A 35 5.29 0.10 9.42
CA THR A 35 4.87 1.47 9.19
C THR A 35 3.96 1.55 7.97
N TRP A 36 2.99 2.47 8.01
CA TRP A 36 2.02 2.62 6.93
C TRP A 36 2.49 3.58 5.82
N HIS A 37 3.37 4.52 6.15
CA HIS A 37 3.86 5.49 5.17
C HIS A 37 5.23 5.09 4.60
N ASP A 38 5.28 4.76 3.31
CA ASP A 38 6.53 4.36 2.67
C ASP A 38 7.63 5.38 2.95
N PRO A 39 8.84 4.91 3.33
CA PRO A 39 9.95 5.81 3.64
C PRO A 39 10.50 6.48 2.38
N ARG A 40 10.17 5.93 1.22
CA ARG A 40 10.63 6.51 -0.04
C ARG A 40 9.83 7.77 -0.34
N VAL A 41 8.50 7.67 -0.18
CA VAL A 41 7.63 8.79 -0.41
C VAL A 41 7.44 9.62 0.86
N PRO A 42 7.15 10.92 0.72
CA PRO A 42 6.96 11.82 1.86
C PRO A 42 5.72 11.50 2.68
N ARG A 43 5.69 12.01 3.90
CA ARG A 43 4.56 11.78 4.80
C ARG A 43 3.42 12.74 4.47
N ASP A 44 3.78 13.92 3.98
CA ASP A 44 2.79 14.93 3.62
C ASP A 44 2.06 14.58 2.33
N LEU A 45 2.68 13.76 1.50
CA LEU A 45 2.08 13.36 0.22
C LEU A 45 2.14 11.85 0.01
N SER A 46 1.25 11.13 0.70
CA SER A 46 1.16 9.68 0.59
C SER A 46 -0.18 9.28 -0.02
N ASN A 47 -1.24 9.89 0.50
CA ASN A 47 -2.59 9.65 -0.01
C ASN A 47 -2.90 10.64 -1.10
N ILE A 48 -2.37 10.38 -2.30
CA ILE A 48 -2.56 11.28 -3.43
C ILE A 48 -3.60 10.75 -4.41
N ASN A 49 -4.19 11.67 -5.17
CA ASN A 49 -5.15 11.32 -6.19
C ASN A 49 -4.47 11.46 -7.54
N CYS A 50 -3.73 10.41 -7.91
CA CYS A 50 -2.97 10.38 -9.16
C CYS A 50 -3.72 10.99 -10.35
N GLU A 51 -5.04 11.10 -10.25
CA GLU A 51 -5.82 11.69 -11.33
C GLU A 51 -5.23 13.02 -11.77
N GLU A 52 -4.52 13.69 -10.86
CA GLU A 52 -3.88 14.97 -11.16
C GLU A 52 -2.51 14.79 -11.80
N LEU A 53 -1.93 13.62 -11.60
CA LEU A 53 -0.62 13.30 -12.15
C LEU A 53 -0.76 12.52 -13.46
N GLY A 54 -1.84 11.74 -13.56
CA GLY A 54 -2.07 10.95 -14.75
C GLY A 54 -3.07 9.83 -14.52
N PRO A 55 -3.24 8.93 -15.49
CA PRO A 55 -4.19 7.81 -15.38
C PRO A 55 -3.64 6.65 -14.56
N LEU A 56 -4.55 5.90 -13.94
CA LEU A 56 -4.19 4.74 -13.15
C LEU A 56 -3.70 3.63 -14.08
N PRO A 57 -2.63 2.90 -13.74
CA PRO A 57 -2.08 1.85 -14.60
C PRO A 57 -2.93 0.58 -14.59
N PRO A 58 -2.61 -0.38 -15.50
CA PRO A 58 -3.34 -1.66 -15.59
C PRO A 58 -3.42 -2.32 -14.22
N GLY A 59 -4.49 -3.07 -14.00
CA GLY A 59 -4.65 -3.75 -12.72
C GLY A 59 -4.67 -2.80 -11.53
N TRP A 60 -5.64 -1.88 -11.52
CA TRP A 60 -5.77 -0.93 -10.42
C TRP A 60 -7.18 -0.36 -10.33
N GLU A 61 -7.55 0.04 -9.11
CA GLU A 61 -8.85 0.65 -8.86
C GLU A 61 -8.72 1.68 -7.74
N ILE A 62 -9.24 2.89 -7.96
CA ILE A 62 -9.17 3.94 -6.94
C ILE A 62 -10.37 3.89 -6.02
N ARG A 63 -10.13 3.98 -4.73
CA ARG A 63 -11.23 3.93 -3.77
C ARG A 63 -10.97 4.84 -2.57
N ASN A 64 -12.01 5.04 -1.76
CA ASN A 64 -11.90 5.87 -0.56
C ASN A 64 -12.23 5.08 0.69
N THR A 65 -11.43 5.27 1.73
CA THR A 65 -11.69 4.60 2.99
C THR A 65 -12.68 5.43 3.78
N ALA A 66 -13.34 4.81 4.76
CA ALA A 66 -14.36 5.48 5.56
C ALA A 66 -13.93 6.88 6.01
N THR A 67 -12.67 7.03 6.40
CA THR A 67 -12.17 8.33 6.83
C THR A 67 -12.06 9.28 5.64
N GLY A 68 -12.20 8.73 4.44
CA GLY A 68 -12.09 9.52 3.22
C GLY A 68 -10.71 9.42 2.64
N ARG A 69 -9.98 8.41 3.08
CA ARG A 69 -8.61 8.21 2.60
C ARG A 69 -8.59 7.29 1.40
N VAL A 70 -8.29 7.87 0.26
CA VAL A 70 -8.24 7.15 -0.98
C VAL A 70 -7.07 6.17 -1.00
N TYR A 71 -7.27 5.08 -1.72
CA TYR A 71 -6.25 4.05 -1.85
C TYR A 71 -6.29 3.48 -3.28
N PHE A 72 -5.77 2.28 -3.47
CA PHE A 72 -5.78 1.66 -4.78
C PHE A 72 -5.77 0.15 -4.65
N VAL A 73 -6.38 -0.52 -5.60
CA VAL A 73 -6.43 -1.96 -5.61
C VAL A 73 -5.80 -2.51 -6.88
N ASP A 74 -4.61 -3.10 -6.75
CA ASP A 74 -3.91 -3.65 -7.89
C ASP A 74 -4.25 -5.13 -8.06
N HIS A 75 -4.77 -5.50 -9.22
CA HIS A 75 -5.16 -6.88 -9.48
C HIS A 75 -4.02 -7.70 -10.09
N ASN A 76 -2.85 -7.08 -10.25
CA ASN A 76 -1.70 -7.79 -10.78
C ASN A 76 -1.13 -8.71 -9.72
N ASN A 77 -0.88 -8.14 -8.54
CA ASN A 77 -0.35 -8.90 -7.41
C ASN A 77 -1.46 -9.11 -6.36
N ARG A 78 -2.70 -8.85 -6.77
CA ARG A 78 -3.87 -9.00 -5.90
C ARG A 78 -3.62 -8.45 -4.49
N THR A 79 -3.59 -7.12 -4.37
CA THR A 79 -3.38 -6.47 -3.08
C THR A 79 -4.00 -5.08 -3.06
N THR A 80 -4.03 -4.47 -1.87
CA THR A 80 -4.55 -3.11 -1.73
C THR A 80 -3.38 -2.20 -1.33
N GLN A 81 -3.25 -1.08 -2.03
CA GLN A 81 -2.14 -0.17 -1.76
C GLN A 81 -2.56 1.14 -1.10
N PHE A 82 -1.54 1.85 -0.63
CA PHE A 82 -1.73 3.15 0.02
C PHE A 82 -1.02 4.24 -0.77
N THR A 83 0.24 3.97 -1.10
CA THR A 83 1.05 4.91 -1.89
C THR A 83 0.65 4.81 -3.35
N ASP A 84 0.63 5.93 -4.07
CA ASP A 84 0.23 5.90 -5.48
C ASP A 84 1.23 5.13 -6.34
N PRO A 85 0.74 4.46 -7.41
CA PRO A 85 1.58 3.69 -8.32
C PRO A 85 2.71 4.52 -8.92
N ARG A 86 2.47 5.82 -9.08
CA ARG A 86 3.46 6.72 -9.63
C ARG A 86 4.19 7.51 -8.55
N LEU A 87 3.56 7.66 -7.38
CA LEU A 87 4.18 8.43 -6.29
C LEU A 87 5.64 8.06 -6.11
N SER A 88 5.86 6.83 -5.67
CA SER A 88 7.20 6.32 -5.44
C SER A 88 8.01 6.36 -6.74
N ALA A 89 7.36 6.03 -7.85
CA ALA A 89 8.03 6.03 -9.14
C ALA A 89 7.61 7.23 -9.98
N ASN A 90 8.05 8.42 -9.55
CA ASN A 90 7.73 9.65 -10.27
C ASN A 90 8.78 9.97 -11.32
N GLY B 1 -16.40 0.03 15.21
CA GLY B 1 -16.21 -0.06 13.74
C GLY B 1 -14.78 -0.34 13.34
N PRO B 2 -13.92 0.69 13.30
CA PRO B 2 -12.51 0.54 12.94
C PRO B 2 -11.63 0.25 14.15
N LEU B 3 -12.17 -0.46 15.13
CA LEU B 3 -11.42 -0.81 16.33
C LEU B 3 -11.41 -2.32 16.56
N GLY B 4 -10.23 -2.88 16.72
CA GLY B 4 -10.10 -4.31 16.94
C GLY B 4 -8.67 -4.72 17.24
N SER B 5 -7.72 -4.11 16.54
CA SER B 5 -6.31 -4.41 16.74
C SER B 5 -5.54 -3.16 17.18
N GLU B 6 -4.45 -3.37 17.90
CA GLU B 6 -3.63 -2.26 18.38
C GLU B 6 -3.05 -1.46 17.22
N LEU B 7 -2.85 -2.13 16.08
CA LEU B 7 -2.30 -1.48 14.90
C LEU B 7 -3.39 -0.79 14.09
N GLU B 8 -3.02 0.29 13.41
CA GLU B 8 -3.96 1.05 12.60
C GLU B 8 -4.33 0.28 11.34
N SER B 9 -5.61 0.36 10.94
CA SER B 9 -6.06 -0.33 9.74
C SER B 9 -6.63 0.66 8.72
N PRO B 10 -5.74 1.26 7.90
CA PRO B 10 -6.12 2.24 6.88
C PRO B 10 -6.59 1.61 5.56
N PRO B 11 -5.72 0.93 4.75
CA PRO B 11 -6.15 0.32 3.50
C PRO B 11 -6.76 -1.06 3.74
N PRO B 12 -8.07 -1.23 3.48
CA PRO B 12 -8.75 -2.52 3.69
C PRO B 12 -8.14 -3.65 2.86
N PRO B 13 -7.74 -4.77 3.51
CA PRO B 13 -7.15 -5.94 2.84
C PRO B 13 -7.68 -6.16 1.42
N TYR B 14 -6.95 -6.96 0.63
CA TYR B 14 -7.32 -7.22 -0.76
C TYR B 14 -8.32 -8.37 -0.97
N SER B 15 -9.03 -8.25 -2.09
CA SER B 15 -10.03 -9.22 -2.53
C SER B 15 -10.93 -8.62 -3.60
N ARG B 16 -10.33 -7.87 -4.52
CA ARG B 16 -11.08 -7.21 -5.60
C ARG B 16 -11.86 -6.03 -5.04
N TYR B 17 -12.25 -6.11 -3.77
CA TYR B 17 -12.99 -5.07 -3.11
C TYR B 17 -12.43 -4.88 -1.69
N PRO B 18 -12.94 -3.92 -0.92
CA PRO B 18 -12.47 -3.69 0.44
C PRO B 18 -12.93 -4.77 1.42
N MET B 19 -11.98 -5.36 2.14
CA MET B 19 -12.29 -6.42 3.10
C MET B 19 -12.21 -5.89 4.53
N ASP B 20 -13.29 -6.07 5.28
CA ASP B 20 -13.34 -5.62 6.67
C ASP B 20 -12.85 -6.72 7.61
N GLY A 1 27.90 -5.10 -2.12
CA GLY A 1 27.48 -5.83 -0.88
C GLY A 1 26.27 -6.71 -1.09
N PRO A 2 26.46 -7.91 -1.67
CA PRO A 2 25.36 -8.85 -1.93
C PRO A 2 25.06 -9.75 -0.74
N LEU A 3 25.06 -9.16 0.46
CA LEU A 3 24.78 -9.92 1.67
C LEU A 3 23.67 -9.27 2.48
N GLY A 4 23.88 -8.01 2.85
CA GLY A 4 22.89 -7.29 3.63
C GLY A 4 22.25 -6.16 2.83
N GLY A 5 21.85 -6.47 1.60
CA GLY A 5 21.23 -5.45 0.76
C GLY A 5 20.59 -6.05 -0.48
N SER A 6 19.41 -6.63 -0.31
CA SER A 6 18.67 -7.23 -1.42
C SER A 6 17.27 -6.64 -1.53
N PRO A 7 17.17 -5.36 -1.93
CA PRO A 7 15.89 -4.67 -2.05
C PRO A 7 15.27 -4.82 -3.45
N PRO A 8 14.00 -5.29 -3.52
CA PRO A 8 13.30 -5.47 -4.78
C PRO A 8 12.48 -4.24 -5.14
N ASP A 9 12.83 -3.12 -4.52
CA ASP A 9 12.18 -1.82 -4.71
C ASP A 9 12.18 -1.07 -3.39
N LEU A 10 11.48 0.06 -3.33
CA LEU A 10 11.41 0.87 -2.11
C LEU A 10 12.79 1.06 -1.49
N PRO A 11 12.88 1.88 -0.42
CA PRO A 11 14.17 2.18 0.23
C PRO A 11 14.83 0.97 0.87
N GLU A 12 15.85 1.24 1.67
CA GLU A 12 16.58 0.19 2.36
C GLU A 12 15.95 -0.09 3.71
N GLY A 13 16.00 -1.36 4.12
CA GLY A 13 15.44 -1.75 5.40
C GLY A 13 13.96 -2.04 5.35
N TYR A 14 13.26 -1.60 4.30
CA TYR A 14 11.84 -1.84 4.20
C TYR A 14 11.53 -2.90 3.16
N GLU A 15 10.40 -3.56 3.35
CA GLU A 15 9.95 -4.60 2.46
C GLU A 15 8.45 -4.61 2.46
N GLN A 16 7.85 -4.73 1.29
CA GLN A 16 6.41 -4.74 1.22
C GLN A 16 5.89 -6.08 1.70
N ARG A 17 4.77 -6.04 2.40
CA ARG A 17 4.15 -7.23 2.91
C ARG A 17 2.64 -7.11 2.79
N THR A 18 1.92 -8.19 3.08
CA THR A 18 0.47 -8.15 2.99
C THR A 18 -0.17 -8.86 4.16
N THR A 19 -1.31 -8.33 4.60
CA THR A 19 -2.04 -8.93 5.70
C THR A 19 -2.89 -10.08 5.17
N GLN A 20 -3.12 -11.08 6.00
CA GLN A 20 -3.88 -12.27 5.63
C GLN A 20 -4.85 -12.05 4.47
N GLN A 21 -5.63 -10.98 4.51
CA GLN A 21 -6.62 -10.72 3.47
C GLN A 21 -6.11 -9.84 2.31
N GLY A 22 -4.79 -9.77 2.14
CA GLY A 22 -4.21 -9.01 1.03
C GLY A 22 -4.06 -7.51 1.28
N GLN A 23 -3.70 -7.13 2.48
CA GLN A 23 -3.51 -5.70 2.77
C GLN A 23 -2.04 -5.33 2.69
N VAL A 24 -1.67 -4.53 1.69
CA VAL A 24 -0.28 -4.12 1.52
C VAL A 24 0.13 -3.09 2.54
N TYR A 25 1.20 -3.39 3.26
CA TYR A 25 1.75 -2.48 4.26
C TYR A 25 3.27 -2.44 4.16
N PHE A 26 3.89 -1.60 4.97
CA PHE A 26 5.34 -1.48 4.94
C PHE A 26 5.97 -1.91 6.25
N LEU A 27 6.84 -2.91 6.17
CA LEU A 27 7.50 -3.45 7.35
C LEU A 27 9.01 -3.20 7.30
N HIS A 28 9.58 -3.01 8.48
CA HIS A 28 11.01 -2.81 8.61
C HIS A 28 11.67 -4.17 8.82
N THR A 29 11.98 -4.82 7.71
CA THR A 29 12.61 -6.13 7.72
C THR A 29 13.77 -6.16 8.72
N GLN A 30 14.34 -4.98 8.97
CA GLN A 30 15.44 -4.86 9.92
C GLN A 30 15.01 -5.22 11.33
N THR A 31 14.02 -4.48 11.85
CA THR A 31 13.54 -4.71 13.21
C THR A 31 12.11 -5.28 13.23
N GLY A 32 11.68 -5.89 12.13
CA GLY A 32 10.35 -6.46 12.08
C GLY A 32 9.28 -5.44 12.40
N VAL A 33 9.58 -4.17 12.17
CA VAL A 33 8.65 -3.09 12.44
C VAL A 33 7.57 -2.99 11.36
N SER A 34 6.43 -2.41 11.74
CA SER A 34 5.32 -2.25 10.80
C SER A 34 4.86 -0.80 10.74
N THR A 35 5.02 -0.18 9.58
CA THR A 35 4.61 1.21 9.38
C THR A 35 3.78 1.35 8.10
N TRP A 36 2.89 2.32 8.09
CA TRP A 36 2.00 2.55 6.96
C TRP A 36 2.61 3.50 5.92
N HIS A 37 3.46 4.42 6.38
CA HIS A 37 4.08 5.39 5.50
C HIS A 37 5.27 4.79 4.75
N ASP A 38 5.40 5.13 3.46
CA ASP A 38 6.53 4.66 2.67
C ASP A 38 7.75 5.50 3.01
N PRO A 39 8.95 4.90 3.07
CA PRO A 39 10.15 5.64 3.42
C PRO A 39 10.71 6.40 2.21
N ARG A 40 10.44 5.90 1.01
CA ARG A 40 10.91 6.54 -0.22
C ARG A 40 10.15 7.84 -0.49
N VAL A 41 8.83 7.84 -0.27
CA VAL A 41 8.02 9.02 -0.51
C VAL A 41 7.90 9.89 0.75
N PRO A 42 7.70 11.21 0.55
CA PRO A 42 7.56 12.17 1.65
C PRO A 42 6.36 11.88 2.55
N ARG A 43 6.37 12.47 3.74
CA ARG A 43 5.28 12.30 4.70
C ARG A 43 3.98 12.84 4.14
N ASP A 44 4.02 14.09 3.70
CA ASP A 44 2.84 14.74 3.13
C ASP A 44 2.42 14.08 1.82
N LEU A 45 3.30 13.25 1.27
CA LEU A 45 3.01 12.57 0.02
C LEU A 45 2.68 11.09 0.26
N SER A 46 1.47 10.83 0.71
CA SER A 46 1.02 9.47 0.98
C SER A 46 -0.37 9.23 0.38
N ASN A 47 -1.28 10.18 0.64
CA ASN A 47 -2.64 10.10 0.14
C ASN A 47 -2.83 11.08 -1.01
N ILE A 48 -2.34 10.71 -2.19
CA ILE A 48 -2.45 11.56 -3.37
C ILE A 48 -3.35 10.95 -4.44
N ASN A 49 -4.05 11.81 -5.15
CA ASN A 49 -4.93 11.36 -6.23
C ASN A 49 -4.15 11.44 -7.55
N CYS A 50 -3.42 10.38 -7.84
CA CYS A 50 -2.59 10.30 -9.04
C CYS A 50 -3.26 10.91 -10.27
N GLU A 51 -4.59 10.94 -10.28
CA GLU A 51 -5.33 11.51 -11.41
C GLU A 51 -4.78 12.90 -11.77
N GLU A 52 -4.17 13.57 -10.80
CA GLU A 52 -3.62 14.90 -11.02
C GLU A 52 -2.24 14.82 -11.68
N LEU A 53 -1.58 13.69 -11.51
CA LEU A 53 -0.25 13.48 -12.10
C LEU A 53 -0.37 12.72 -13.42
N GLY A 54 -1.43 11.93 -13.56
CA GLY A 54 -1.63 11.16 -14.78
C GLY A 54 -2.55 9.97 -14.57
N PRO A 55 -2.50 8.97 -15.46
CA PRO A 55 -3.36 7.80 -15.36
C PRO A 55 -2.81 6.70 -14.44
N LEU A 56 -3.72 5.87 -13.94
CA LEU A 56 -3.39 4.77 -13.06
C LEU A 56 -2.83 3.59 -13.89
N PRO A 57 -1.79 2.89 -13.39
CA PRO A 57 -1.22 1.77 -14.12
C PRO A 57 -2.27 0.72 -14.44
N PRO A 58 -2.07 -0.12 -15.47
CA PRO A 58 -3.07 -1.12 -15.81
C PRO A 58 -3.13 -2.25 -14.80
N GLY A 59 -4.23 -2.28 -14.07
CA GLY A 59 -4.42 -3.27 -13.02
C GLY A 59 -4.48 -2.59 -11.68
N TRP A 60 -5.36 -1.60 -11.58
CA TRP A 60 -5.52 -0.83 -10.36
C TRP A 60 -6.93 -0.25 -10.28
N GLU A 61 -7.30 0.24 -9.11
CA GLU A 61 -8.62 0.85 -8.91
C GLU A 61 -8.55 1.82 -7.73
N ILE A 62 -9.04 3.05 -7.94
CA ILE A 62 -9.03 4.06 -6.88
C ILE A 62 -10.28 3.97 -6.02
N ARG A 63 -10.12 4.14 -4.71
CA ARG A 63 -11.25 4.08 -3.80
C ARG A 63 -11.03 4.97 -2.58
N ASN A 64 -12.03 5.06 -1.72
CA ASN A 64 -11.95 5.88 -0.52
C ASN A 64 -12.19 5.05 0.73
N THR A 65 -11.39 5.28 1.76
CA THR A 65 -11.56 4.57 3.02
C THR A 65 -12.58 5.31 3.86
N ALA A 66 -13.19 4.60 4.82
CA ALA A 66 -14.22 5.18 5.67
C ALA A 66 -13.88 6.58 6.17
N THR A 67 -12.63 6.80 6.53
CA THR A 67 -12.22 8.12 7.01
C THR A 67 -12.13 9.11 5.85
N GLY A 68 -12.16 8.56 4.63
CA GLY A 68 -12.08 9.37 3.43
C GLY A 68 -10.71 9.28 2.82
N ARG A 69 -9.96 8.26 3.22
CA ARG A 69 -8.60 8.06 2.72
C ARG A 69 -8.57 7.17 1.51
N VAL A 70 -8.30 7.78 0.36
CA VAL A 70 -8.25 7.08 -0.90
C VAL A 70 -7.05 6.14 -0.96
N TYR A 71 -7.24 5.02 -1.62
CA TYR A 71 -6.19 4.03 -1.79
C TYR A 71 -6.24 3.53 -3.24
N PHE A 72 -5.67 2.35 -3.49
CA PHE A 72 -5.69 1.77 -4.82
C PHE A 72 -5.66 0.26 -4.72
N VAL A 73 -6.32 -0.39 -5.66
CA VAL A 73 -6.37 -1.84 -5.68
C VAL A 73 -5.63 -2.36 -6.91
N ASP A 74 -4.51 -3.04 -6.67
CA ASP A 74 -3.70 -3.59 -7.75
C ASP A 74 -3.99 -5.09 -7.93
N HIS A 75 -4.61 -5.42 -9.07
CA HIS A 75 -4.97 -6.80 -9.36
C HIS A 75 -3.79 -7.60 -9.93
N ASN A 76 -2.66 -6.93 -10.16
CA ASN A 76 -1.47 -7.59 -10.69
C ASN A 76 -0.91 -8.56 -9.65
N ASN A 77 -0.83 -8.10 -8.40
CA ASN A 77 -0.33 -8.92 -7.31
C ASN A 77 -1.46 -9.33 -6.37
N ARG A 78 -2.68 -8.88 -6.67
CA ARG A 78 -3.83 -9.20 -5.84
C ARG A 78 -3.66 -8.62 -4.45
N THR A 79 -3.71 -7.29 -4.35
CA THR A 79 -3.54 -6.61 -3.06
C THR A 79 -4.13 -5.19 -3.09
N THR A 80 -4.11 -4.54 -1.92
CA THR A 80 -4.62 -3.17 -1.79
C THR A 80 -3.48 -2.28 -1.30
N GLN A 81 -3.25 -1.15 -1.98
CA GLN A 81 -2.15 -0.27 -1.64
C GLN A 81 -2.60 1.04 -1.00
N PHE A 82 -1.61 1.74 -0.44
CA PHE A 82 -1.83 3.03 0.20
C PHE A 82 -1.12 4.13 -0.59
N THR A 83 0.17 3.92 -0.85
CA THR A 83 0.95 4.88 -1.62
C THR A 83 0.68 4.66 -3.11
N ASP A 84 0.68 5.73 -3.90
CA ASP A 84 0.38 5.62 -5.32
C ASP A 84 1.48 4.85 -6.08
N PRO A 85 1.11 4.25 -7.23
CA PRO A 85 2.04 3.49 -8.07
C PRO A 85 3.14 4.36 -8.66
N ARG A 86 2.82 5.64 -8.85
CA ARG A 86 3.77 6.60 -9.41
C ARG A 86 4.45 7.43 -8.34
N LEU A 87 3.80 7.56 -7.18
CA LEU A 87 4.38 8.33 -6.09
C LEU A 87 5.78 7.83 -5.79
N SER A 88 5.83 6.60 -5.29
CA SER A 88 7.08 5.94 -4.95
C SER A 88 8.02 5.91 -6.16
N ALA A 89 7.50 5.47 -7.30
CA ALA A 89 8.28 5.38 -8.53
C ALA A 89 7.78 6.36 -9.57
N ASN A 90 8.49 7.48 -9.72
CA ASN A 90 8.11 8.50 -10.68
C ASN A 90 8.83 8.29 -12.01
N GLY B 1 -11.69 -2.72 19.47
CA GLY B 1 -13.12 -2.69 19.10
C GLY B 1 -13.35 -2.81 17.60
N PRO B 2 -14.54 -2.41 17.10
CA PRO B 2 -14.86 -2.49 15.68
C PRO B 2 -14.34 -1.30 14.88
N LEU B 3 -13.51 -0.48 15.53
CA LEU B 3 -12.96 0.71 14.86
C LEU B 3 -11.55 0.43 14.34
N GLY B 4 -11.26 -0.85 14.09
CA GLY B 4 -9.94 -1.22 13.58
C GLY B 4 -9.56 -2.65 13.94
N SER B 5 -8.29 -2.86 14.24
CA SER B 5 -7.80 -4.19 14.60
C SER B 5 -6.76 -4.10 15.71
N GLU B 6 -5.53 -3.78 15.34
CA GLU B 6 -4.44 -3.67 16.32
C GLU B 6 -4.36 -2.25 16.86
N LEU B 7 -4.05 -1.31 15.99
CA LEU B 7 -3.93 0.10 16.38
C LEU B 7 -4.31 1.03 15.23
N GLU B 8 -3.89 0.69 14.02
CA GLU B 8 -4.18 1.51 12.85
C GLU B 8 -4.30 0.67 11.58
N SER B 9 -5.52 0.52 11.07
CA SER B 9 -5.73 -0.26 9.84
C SER B 9 -6.55 0.55 8.83
N PRO B 10 -5.86 1.39 8.03
CA PRO B 10 -6.49 2.25 7.02
C PRO B 10 -6.87 1.54 5.71
N PRO B 11 -5.90 1.03 4.90
CA PRO B 11 -6.22 0.36 3.63
C PRO B 11 -6.94 -0.96 3.85
N PRO B 12 -8.15 -1.12 3.29
CA PRO B 12 -8.93 -2.36 3.44
C PRO B 12 -8.33 -3.51 2.63
N PRO B 13 -7.92 -4.60 3.30
CA PRO B 13 -7.32 -5.77 2.67
C PRO B 13 -7.87 -6.06 1.26
N TYR B 14 -7.11 -6.85 0.51
CA TYR B 14 -7.48 -7.19 -0.86
C TYR B 14 -8.42 -8.40 -0.99
N SER B 15 -9.40 -8.21 -1.86
CA SER B 15 -10.40 -9.24 -2.15
C SER B 15 -11.25 -8.81 -3.33
N ARG B 16 -10.62 -8.11 -4.28
CA ARG B 16 -11.31 -7.59 -5.46
C ARG B 16 -12.24 -6.44 -5.07
N TYR B 17 -12.75 -6.50 -3.84
CA TYR B 17 -13.63 -5.48 -3.30
C TYR B 17 -13.27 -5.25 -1.83
N PRO B 18 -12.97 -3.99 -1.44
CA PRO B 18 -12.60 -3.65 -0.07
C PRO B 18 -13.38 -4.43 0.97
N MET B 19 -12.77 -5.49 1.50
CA MET B 19 -13.42 -6.32 2.51
C MET B 19 -13.14 -5.81 3.91
N ASP B 20 -14.19 -5.62 4.70
CA ASP B 20 -14.06 -5.13 6.07
C ASP B 20 -15.31 -5.47 6.89
N GLY A 1 9.22 -21.85 -8.17
CA GLY A 1 7.95 -21.09 -8.01
C GLY A 1 8.18 -19.60 -7.83
N PRO A 2 7.15 -18.77 -8.02
CA PRO A 2 7.25 -17.31 -7.88
C PRO A 2 7.49 -16.89 -6.43
N LEU A 3 8.23 -15.81 -6.24
CA LEU A 3 8.53 -15.30 -4.90
C LEU A 3 7.38 -14.42 -4.40
N GLY A 4 7.00 -13.45 -5.22
CA GLY A 4 5.92 -12.55 -4.84
C GLY A 4 5.40 -11.71 -6.00
N GLY A 5 5.91 -11.95 -7.21
CA GLY A 5 5.48 -11.18 -8.37
C GLY A 5 6.53 -10.21 -8.85
N SER A 6 6.63 -9.07 -8.17
CA SER A 6 7.61 -8.05 -8.53
C SER A 6 8.31 -7.49 -7.28
N PRO A 7 9.61 -7.18 -7.39
CA PRO A 7 10.37 -6.64 -6.26
C PRO A 7 9.77 -5.34 -5.74
N PRO A 8 9.99 -5.03 -4.45
CA PRO A 8 9.46 -3.80 -3.84
C PRO A 8 10.21 -2.57 -4.32
N ASP A 9 9.47 -1.60 -4.86
CA ASP A 9 10.09 -0.37 -5.34
C ASP A 9 10.11 0.67 -4.23
N LEU A 10 10.47 0.22 -3.04
CA LEU A 10 10.54 1.08 -1.88
C LEU A 10 11.99 1.25 -1.42
N PRO A 11 12.24 2.24 -0.54
CA PRO A 11 13.59 2.52 -0.04
C PRO A 11 14.25 1.30 0.56
N GLU A 12 15.43 1.51 1.16
CA GLU A 12 16.18 0.43 1.77
C GLU A 12 15.68 0.14 3.19
N GLY A 13 15.83 -1.11 3.60
CA GLY A 13 15.41 -1.50 4.93
C GLY A 13 13.95 -1.89 5.03
N TYR A 14 13.15 -1.51 4.04
CA TYR A 14 11.73 -1.84 4.06
C TYR A 14 11.41 -2.95 3.07
N GLU A 15 10.26 -3.58 3.28
CA GLU A 15 9.83 -4.66 2.42
C GLU A 15 8.33 -4.65 2.38
N GLN A 16 7.77 -4.85 1.20
CA GLN A 16 6.34 -4.85 1.08
C GLN A 16 5.79 -6.15 1.65
N ARG A 17 4.67 -6.04 2.35
CA ARG A 17 4.05 -7.21 2.94
C ARG A 17 2.54 -7.12 2.82
N THR A 18 1.85 -8.22 3.05
CA THR A 18 0.41 -8.25 2.94
C THR A 18 -0.24 -8.96 4.12
N THR A 19 -1.38 -8.45 4.55
CA THR A 19 -2.10 -9.05 5.66
C THR A 19 -3.05 -10.12 5.13
N GLN A 20 -3.41 -11.05 6.00
CA GLN A 20 -4.29 -12.18 5.70
C GLN A 20 -5.16 -11.98 4.45
N GLN A 21 -5.96 -10.91 4.44
CA GLN A 21 -6.89 -10.68 3.31
C GLN A 21 -6.30 -9.83 2.17
N GLY A 22 -4.98 -9.76 2.06
CA GLY A 22 -4.36 -9.01 0.98
C GLY A 22 -4.19 -7.53 1.25
N GLN A 23 -3.80 -7.17 2.46
CA GLN A 23 -3.58 -5.76 2.78
C GLN A 23 -2.09 -5.46 2.77
N VAL A 24 -1.67 -4.68 1.76
CA VAL A 24 -0.27 -4.33 1.61
C VAL A 24 0.17 -3.25 2.60
N TYR A 25 1.17 -3.57 3.41
CA TYR A 25 1.71 -2.62 4.37
C TYR A 25 3.23 -2.54 4.23
N PHE A 26 3.86 -1.62 4.97
CA PHE A 26 5.30 -1.46 4.89
C PHE A 26 6.00 -1.93 6.16
N LEU A 27 6.85 -2.95 6.00
CA LEU A 27 7.55 -3.51 7.15
C LEU A 27 9.08 -3.32 7.05
N HIS A 28 9.67 -3.17 8.23
CA HIS A 28 11.13 -3.04 8.35
C HIS A 28 11.72 -4.38 8.72
N THR A 29 12.09 -5.15 7.70
CA THR A 29 12.65 -6.48 7.91
C THR A 29 13.71 -6.47 9.01
N GLN A 30 14.41 -5.35 9.12
CA GLN A 30 15.48 -5.19 10.11
C GLN A 30 15.00 -5.50 11.52
N THR A 31 14.00 -4.73 11.98
CA THR A 31 13.46 -4.92 13.33
C THR A 31 12.10 -5.58 13.29
N GLY A 32 11.59 -5.84 12.10
CA GLY A 32 10.29 -6.45 11.96
C GLY A 32 9.19 -5.45 12.25
N VAL A 33 9.49 -4.17 12.02
CA VAL A 33 8.54 -3.10 12.28
C VAL A 33 7.53 -2.97 11.15
N SER A 34 6.38 -2.40 11.48
CA SER A 34 5.32 -2.21 10.50
C SER A 34 4.81 -0.77 10.49
N THR A 35 4.88 -0.13 9.33
CA THR A 35 4.41 1.24 9.17
C THR A 35 3.53 1.34 7.94
N TRP A 36 2.60 2.29 7.97
CA TRP A 36 1.67 2.48 6.87
C TRP A 36 2.21 3.42 5.79
N HIS A 37 3.04 4.37 6.19
CA HIS A 37 3.60 5.33 5.24
C HIS A 37 4.86 4.79 4.58
N ASP A 38 5.08 5.19 3.32
CA ASP A 38 6.24 4.77 2.57
C ASP A 38 7.42 5.68 2.92
N PRO A 39 8.62 5.11 3.16
CA PRO A 39 9.78 5.90 3.55
C PRO A 39 10.38 6.73 2.40
N ARG A 40 10.16 6.34 1.15
CA ARG A 40 10.71 7.09 0.03
C ARG A 40 9.97 8.40 -0.16
N VAL A 41 8.65 8.34 -0.08
CA VAL A 41 7.83 9.52 -0.24
C VAL A 41 7.70 10.26 1.08
N PRO A 42 7.31 11.55 1.04
CA PRO A 42 7.18 12.35 2.27
C PRO A 42 6.18 11.74 3.24
N ARG A 43 6.31 12.11 4.50
CA ARG A 43 5.44 11.59 5.56
C ARG A 43 3.97 11.76 5.21
N ASP A 44 3.54 13.01 5.08
CA ASP A 44 2.13 13.29 4.78
C ASP A 44 1.82 13.25 3.29
N LEU A 45 2.75 12.73 2.48
CA LEU A 45 2.52 12.65 1.04
C LEU A 45 2.40 11.20 0.58
N SER A 46 1.66 10.40 1.34
CA SER A 46 1.46 8.99 1.00
C SER A 46 0.05 8.77 0.47
N ASN A 47 -0.85 9.70 0.76
CA ASN A 47 -2.23 9.61 0.31
C ASN A 47 -2.50 10.59 -0.82
N ILE A 48 -1.87 10.35 -1.97
CA ILE A 48 -2.05 11.22 -3.13
C ILE A 48 -3.02 10.60 -4.13
N ASN A 49 -3.61 11.45 -4.96
CA ASN A 49 -4.54 10.99 -5.98
C ASN A 49 -3.87 11.07 -7.35
N CYS A 50 -3.17 9.98 -7.70
CA CYS A 50 -2.43 9.89 -8.97
C CYS A 50 -3.20 10.49 -10.14
N GLU A 51 -4.53 10.51 -10.05
CA GLU A 51 -5.35 11.05 -11.13
C GLU A 51 -4.88 12.44 -11.56
N GLU A 52 -4.16 13.12 -10.68
CA GLU A 52 -3.67 14.47 -10.98
C GLU A 52 -2.31 14.43 -11.68
N LEU A 53 -1.66 13.27 -11.64
CA LEU A 53 -0.35 13.11 -12.27
C LEU A 53 -0.46 12.34 -13.58
N GLY A 54 -1.52 11.55 -13.73
CA GLY A 54 -1.71 10.78 -14.94
C GLY A 54 -2.64 9.60 -14.75
N PRO A 55 -2.60 8.61 -15.65
CA PRO A 55 -3.46 7.43 -15.57
C PRO A 55 -2.90 6.34 -14.66
N LEU A 56 -3.80 5.63 -13.99
CA LEU A 56 -3.45 4.54 -13.10
C LEU A 56 -2.88 3.37 -13.91
N PRO A 57 -1.79 2.73 -13.44
CA PRO A 57 -1.19 1.60 -14.16
C PRO A 57 -2.24 0.54 -14.48
N PRO A 58 -1.97 -0.37 -15.43
CA PRO A 58 -2.95 -1.38 -15.76
C PRO A 58 -2.99 -2.51 -14.75
N GLY A 59 -4.10 -2.53 -14.01
CA GLY A 59 -4.27 -3.51 -12.96
C GLY A 59 -4.33 -2.82 -11.61
N TRP A 60 -5.18 -1.80 -11.53
CA TRP A 60 -5.35 -1.01 -10.33
C TRP A 60 -6.76 -0.45 -10.23
N GLU A 61 -7.12 0.09 -9.06
CA GLU A 61 -8.43 0.70 -8.86
C GLU A 61 -8.38 1.69 -7.71
N ILE A 62 -8.92 2.89 -7.92
CA ILE A 62 -8.92 3.93 -6.89
C ILE A 62 -10.11 3.78 -5.96
N ARG A 63 -9.87 3.90 -4.65
CA ARG A 63 -10.95 3.77 -3.67
C ARG A 63 -10.72 4.69 -2.47
N ASN A 64 -11.73 4.79 -1.60
CA ASN A 64 -11.66 5.64 -0.41
C ASN A 64 -11.94 4.84 0.85
N THR A 65 -11.17 5.11 1.91
CA THR A 65 -11.37 4.43 3.17
C THR A 65 -12.39 5.20 4.00
N ALA A 66 -13.01 4.54 4.97
CA ALA A 66 -14.05 5.14 5.80
C ALA A 66 -13.69 6.56 6.27
N THR A 67 -12.44 6.79 6.63
CA THR A 67 -12.01 8.11 7.08
C THR A 67 -11.88 9.05 5.87
N GLY A 68 -12.00 8.48 4.68
CA GLY A 68 -11.89 9.22 3.45
C GLY A 68 -10.49 9.14 2.88
N ARG A 69 -9.74 8.14 3.33
CA ARG A 69 -8.37 7.95 2.86
C ARG A 69 -8.34 7.06 1.64
N VAL A 70 -8.17 7.67 0.48
CA VAL A 70 -8.13 6.92 -0.77
C VAL A 70 -6.89 6.07 -0.89
N TYR A 71 -7.05 4.96 -1.58
CA TYR A 71 -5.97 4.02 -1.80
C TYR A 71 -5.99 3.52 -3.25
N PHE A 72 -5.38 2.35 -3.49
CA PHE A 72 -5.35 1.76 -4.81
C PHE A 72 -5.41 0.23 -4.72
N VAL A 73 -6.19 -0.37 -5.60
CA VAL A 73 -6.32 -1.82 -5.62
C VAL A 73 -5.65 -2.39 -6.87
N ASP A 74 -4.49 -3.02 -6.67
CA ASP A 74 -3.73 -3.59 -7.78
C ASP A 74 -4.00 -5.08 -7.93
N HIS A 75 -4.51 -5.48 -9.09
CA HIS A 75 -4.83 -6.88 -9.36
C HIS A 75 -3.65 -7.65 -9.96
N ASN A 76 -2.45 -7.08 -9.85
CA ASN A 76 -1.26 -7.74 -10.35
C ASN A 76 -0.73 -8.62 -9.25
N ASN A 77 -0.63 -8.00 -8.08
CA ASN A 77 -0.19 -8.67 -6.89
C ASN A 77 -1.36 -8.89 -5.94
N ARG A 78 -2.58 -8.63 -6.43
CA ARG A 78 -3.79 -8.79 -5.63
C ARG A 78 -3.62 -8.19 -4.24
N THR A 79 -3.66 -6.87 -4.16
CA THR A 79 -3.48 -6.17 -2.88
C THR A 79 -4.02 -4.73 -2.96
N THR A 80 -3.94 -4.03 -1.83
CA THR A 80 -4.36 -2.64 -1.74
C THR A 80 -3.21 -1.82 -1.17
N GLN A 81 -2.91 -0.65 -1.76
CA GLN A 81 -1.79 0.14 -1.27
C GLN A 81 -2.14 1.62 -1.04
N PHE A 82 -1.45 2.20 -0.05
CA PHE A 82 -1.64 3.59 0.32
C PHE A 82 -0.86 4.51 -0.62
N THR A 83 0.40 4.15 -0.86
CA THR A 83 1.28 4.92 -1.74
C THR A 83 0.92 4.65 -3.20
N ASP A 84 0.87 5.71 -4.00
CA ASP A 84 0.53 5.57 -5.42
C ASP A 84 1.61 4.81 -6.18
N PRO A 85 1.26 4.25 -7.35
CA PRO A 85 2.19 3.49 -8.19
C PRO A 85 3.33 4.36 -8.74
N ARG A 86 3.04 5.65 -8.93
CA ARG A 86 4.04 6.59 -9.45
C ARG A 86 4.68 7.43 -8.36
N LEU A 87 4.01 7.56 -7.20
CA LEU A 87 4.55 8.38 -6.12
C LEU A 87 6.02 8.09 -5.86
N SER A 88 6.29 6.89 -5.39
CA SER A 88 7.65 6.44 -5.08
C SER A 88 8.55 6.37 -6.32
N ALA A 89 8.11 6.96 -7.44
CA ALA A 89 8.91 6.95 -8.66
C ALA A 89 8.81 8.27 -9.41
N ASN A 90 8.52 9.34 -8.68
CA ASN A 90 8.42 10.67 -9.29
C ASN A 90 8.68 11.76 -8.25
N GLY B 1 -16.33 5.22 15.52
CA GLY B 1 -15.82 4.89 14.16
C GLY B 1 -16.18 3.46 13.75
N PRO B 2 -15.53 2.94 12.70
CA PRO B 2 -15.80 1.58 12.20
C PRO B 2 -15.27 0.50 13.16
N LEU B 3 -14.95 -0.66 12.59
CA LEU B 3 -14.44 -1.77 13.39
C LEU B 3 -13.10 -1.42 14.05
N GLY B 4 -12.06 -1.33 13.24
CA GLY B 4 -10.73 -1.01 13.75
C GLY B 4 -9.86 -2.23 13.91
N SER B 5 -8.62 -2.02 14.32
CA SER B 5 -7.68 -3.13 14.51
C SER B 5 -6.95 -3.02 15.85
N GLU B 6 -5.91 -3.83 16.02
CA GLU B 6 -5.13 -3.83 17.25
C GLU B 6 -4.32 -2.54 17.39
N LEU B 7 -3.77 -2.07 16.27
CA LEU B 7 -2.97 -0.86 16.28
C LEU B 7 -3.47 0.14 15.25
N GLU B 8 -3.59 -0.29 13.99
CA GLU B 8 -4.07 0.59 12.92
C GLU B 8 -4.09 -0.13 11.58
N SER B 9 -5.29 -0.32 11.02
CA SER B 9 -5.41 -0.98 9.73
C SER B 9 -6.48 -0.30 8.86
N PRO B 10 -6.07 0.77 8.14
CA PRO B 10 -6.96 1.55 7.26
C PRO B 10 -7.22 0.90 5.89
N PRO B 11 -6.20 0.75 5.00
CA PRO B 11 -6.39 0.16 3.68
C PRO B 11 -7.09 -1.19 3.74
N PRO B 12 -8.39 -1.25 3.37
CA PRO B 12 -9.15 -2.51 3.39
C PRO B 12 -8.51 -3.59 2.54
N PRO B 13 -8.07 -4.70 3.18
CA PRO B 13 -7.42 -5.82 2.50
C PRO B 13 -7.97 -6.10 1.10
N TYR B 14 -7.22 -6.88 0.34
CA TYR B 14 -7.57 -7.22 -1.04
C TYR B 14 -8.59 -8.35 -1.19
N SER B 15 -9.46 -8.18 -2.18
CA SER B 15 -10.49 -9.15 -2.50
C SER B 15 -11.20 -8.80 -3.81
N ARG B 16 -10.47 -8.15 -4.71
CA ARG B 16 -11.04 -7.73 -6.00
C ARG B 16 -12.00 -6.56 -5.79
N TYR B 17 -12.66 -6.57 -4.64
CA TYR B 17 -13.59 -5.52 -4.26
C TYR B 17 -13.31 -5.14 -2.82
N PRO B 18 -12.54 -4.06 -2.59
CA PRO B 18 -12.17 -3.59 -1.27
C PRO B 18 -13.11 -4.01 -0.15
N MET B 19 -12.71 -5.04 0.58
CA MET B 19 -13.51 -5.57 1.68
C MET B 19 -13.31 -4.73 2.95
N ASP B 20 -14.39 -4.15 3.44
CA ASP B 20 -14.34 -3.33 4.65
C ASP B 20 -14.69 -4.15 5.89
N GLY A 1 4.61 -16.06 -5.92
CA GLY A 1 4.04 -16.16 -4.56
C GLY A 1 5.01 -16.79 -3.57
N PRO A 2 5.45 -18.03 -3.82
CA PRO A 2 6.38 -18.74 -2.94
C PRO A 2 7.76 -18.08 -2.91
N LEU A 3 8.55 -18.42 -1.89
CA LEU A 3 9.90 -17.88 -1.74
C LEU A 3 9.86 -16.36 -1.52
N GLY A 4 9.67 -15.61 -2.60
CA GLY A 4 9.62 -14.17 -2.50
C GLY A 4 10.96 -13.57 -2.10
N GLY A 5 11.90 -13.57 -3.05
CA GLY A 5 13.22 -13.02 -2.77
C GLY A 5 13.43 -11.65 -3.38
N SER A 6 12.93 -11.47 -4.59
CA SER A 6 13.07 -10.19 -5.28
C SER A 6 12.39 -9.07 -4.49
N PRO A 7 12.95 -7.84 -4.55
CA PRO A 7 12.39 -6.70 -3.83
C PRO A 7 11.11 -6.18 -4.48
N PRO A 8 10.05 -5.96 -3.69
CA PRO A 8 8.77 -5.46 -4.19
C PRO A 8 8.75 -3.94 -4.29
N ASP A 9 9.82 -3.37 -4.83
CA ASP A 9 9.92 -1.93 -5.00
C ASP A 9 9.97 -1.20 -3.65
N LEU A 10 10.82 -1.68 -2.76
CA LEU A 10 10.95 -1.07 -1.43
C LEU A 10 12.31 -0.39 -1.28
N PRO A 11 12.36 0.66 -0.46
CA PRO A 11 13.60 1.39 -0.19
C PRO A 11 14.58 0.52 0.59
N GLU A 12 15.53 1.16 1.23
CA GLU A 12 16.52 0.44 2.02
C GLU A 12 15.96 0.04 3.38
N GLY A 13 15.97 -1.27 3.65
CA GLY A 13 15.50 -1.77 4.94
C GLY A 13 14.03 -2.13 5.00
N TYR A 14 13.20 -1.68 4.05
CA TYR A 14 11.79 -1.98 4.11
C TYR A 14 11.42 -3.07 3.10
N GLU A 15 10.35 -3.79 3.42
CA GLU A 15 9.87 -4.85 2.58
C GLU A 15 8.37 -4.79 2.57
N GLN A 16 7.78 -4.87 1.40
CA GLN A 16 6.34 -4.81 1.33
C GLN A 16 5.76 -6.13 1.80
N ARG A 17 4.66 -6.05 2.53
CA ARG A 17 4.00 -7.24 3.04
C ARG A 17 2.49 -7.09 2.94
N THR A 18 1.79 -8.21 3.03
CA THR A 18 0.34 -8.20 2.94
C THR A 18 -0.28 -8.86 4.17
N THR A 19 -1.33 -8.23 4.70
CA THR A 19 -2.01 -8.74 5.87
C THR A 19 -3.15 -9.68 5.49
N GLN A 20 -3.03 -10.92 5.95
CA GLN A 20 -4.01 -11.98 5.72
C GLN A 20 -4.78 -11.85 4.39
N GLN A 21 -5.67 -10.87 4.29
CA GLN A 21 -6.49 -10.73 3.10
C GLN A 21 -5.92 -9.78 2.03
N GLY A 22 -4.61 -9.56 2.01
CA GLY A 22 -4.02 -8.73 0.98
C GLY A 22 -3.91 -7.25 1.32
N GLN A 23 -3.64 -6.92 2.57
CA GLN A 23 -3.47 -5.52 2.93
C GLN A 23 -1.98 -5.17 2.88
N VAL A 24 -1.63 -4.27 1.97
CA VAL A 24 -0.24 -3.87 1.81
C VAL A 24 0.20 -2.96 2.92
N TYR A 25 1.32 -3.33 3.55
CA TYR A 25 1.89 -2.54 4.63
C TYR A 25 3.40 -2.52 4.51
N PHE A 26 4.05 -1.58 5.21
CA PHE A 26 5.50 -1.46 5.15
C PHE A 26 6.16 -1.92 6.44
N LEU A 27 7.09 -2.88 6.32
CA LEU A 27 7.78 -3.42 7.47
C LEU A 27 9.31 -3.32 7.36
N HIS A 28 9.94 -3.18 8.52
CA HIS A 28 11.39 -3.13 8.60
C HIS A 28 11.91 -4.50 9.00
N THR A 29 12.20 -5.33 7.99
CA THR A 29 12.66 -6.68 8.21
C THR A 29 13.78 -6.74 9.26
N GLN A 30 14.51 -5.64 9.41
CA GLN A 30 15.61 -5.57 10.36
C GLN A 30 15.12 -5.63 11.80
N THR A 31 14.29 -4.67 12.18
CA THR A 31 13.77 -4.61 13.55
C THR A 31 12.32 -5.08 13.62
N GLY A 32 11.85 -5.71 12.55
CA GLY A 32 10.49 -6.19 12.52
C GLY A 32 9.49 -5.09 12.82
N VAL A 33 9.77 -3.89 12.32
CA VAL A 33 8.90 -2.74 12.54
C VAL A 33 7.83 -2.66 11.47
N SER A 34 6.73 -2.02 11.81
CA SER A 34 5.62 -1.87 10.87
C SER A 34 5.15 -0.41 10.78
N THR A 35 5.29 0.17 9.60
CA THR A 35 4.87 1.53 9.36
C THR A 35 3.93 1.59 8.16
N TRP A 36 2.90 2.42 8.26
CA TRP A 36 1.93 2.53 7.20
C TRP A 36 2.42 3.40 6.03
N HIS A 37 3.43 4.22 6.28
CA HIS A 37 3.95 5.08 5.23
C HIS A 37 5.15 4.44 4.54
N ASP A 38 5.36 4.81 3.28
CA ASP A 38 6.50 4.29 2.51
C ASP A 38 7.67 5.26 2.63
N PRO A 39 8.91 4.76 2.84
CA PRO A 39 10.07 5.63 2.98
C PRO A 39 10.35 6.43 1.70
N ARG A 40 10.37 5.73 0.57
CA ARG A 40 10.67 6.35 -0.72
C ARG A 40 9.86 7.64 -0.89
N VAL A 41 8.65 7.66 -0.33
CA VAL A 41 7.81 8.82 -0.38
C VAL A 41 7.74 9.49 1.00
N PRO A 42 7.91 10.81 1.08
CA PRO A 42 7.89 11.53 2.36
C PRO A 42 6.51 11.53 3.02
N ARG A 43 6.49 11.76 4.33
CA ARG A 43 5.25 11.78 5.10
C ARG A 43 4.45 13.05 4.83
N ASP A 44 5.08 14.04 4.21
CA ASP A 44 4.42 15.30 3.92
C ASP A 44 3.27 15.11 2.93
N LEU A 45 3.52 14.36 1.86
CA LEU A 45 2.49 14.12 0.85
C LEU A 45 2.29 12.62 0.62
N SER A 46 1.37 12.03 1.37
CA SER A 46 1.06 10.62 1.25
C SER A 46 -0.41 10.43 0.86
N ASN A 47 -0.75 9.23 0.39
CA ASN A 47 -2.12 8.93 -0.01
C ASN A 47 -2.59 9.91 -1.08
N ILE A 48 -1.65 10.36 -1.91
CA ILE A 48 -1.97 11.29 -2.99
C ILE A 48 -2.83 10.62 -4.05
N ASN A 49 -3.86 11.33 -4.52
CA ASN A 49 -4.74 10.79 -5.55
C ASN A 49 -4.10 10.95 -6.93
N CYS A 50 -3.73 9.83 -7.54
CA CYS A 50 -3.10 9.86 -8.85
C CYS A 50 -4.05 10.41 -9.91
N GLU A 51 -5.34 10.43 -9.61
CA GLU A 51 -6.34 10.92 -10.54
C GLU A 51 -6.13 12.41 -10.83
N GLU A 52 -5.49 13.10 -9.90
CA GLU A 52 -5.22 14.53 -10.07
C GLU A 52 -4.02 14.77 -10.97
N LEU A 53 -3.19 13.74 -11.11
CA LEU A 53 -2.01 13.83 -11.97
C LEU A 53 -2.36 13.36 -13.38
N GLY A 54 -2.65 12.07 -13.49
CA GLY A 54 -2.99 11.51 -14.78
C GLY A 54 -3.86 10.27 -14.66
N PRO A 55 -3.69 9.28 -15.55
CA PRO A 55 -4.46 8.06 -15.55
C PRO A 55 -3.79 6.93 -14.74
N LEU A 56 -4.63 6.14 -14.08
CA LEU A 56 -4.17 4.99 -13.31
C LEU A 56 -3.69 3.91 -14.27
N PRO A 57 -2.61 3.18 -13.95
CA PRO A 57 -2.07 2.16 -14.85
C PRO A 57 -2.82 0.83 -14.78
N PRO A 58 -2.52 -0.09 -15.71
CA PRO A 58 -3.17 -1.40 -15.76
C PRO A 58 -3.12 -2.08 -14.39
N GLY A 59 -4.13 -2.87 -14.07
CA GLY A 59 -4.15 -3.56 -12.80
C GLY A 59 -4.25 -2.60 -11.62
N TRP A 60 -5.26 -1.71 -11.64
CA TRP A 60 -5.43 -0.75 -10.56
C TRP A 60 -6.86 -0.22 -10.45
N GLU A 61 -7.23 0.12 -9.22
CA GLU A 61 -8.55 0.68 -8.93
C GLU A 61 -8.43 1.69 -7.79
N ILE A 62 -9.07 2.86 -7.94
CA ILE A 62 -9.01 3.89 -6.90
C ILE A 62 -10.30 3.91 -6.10
N ARG A 63 -10.17 4.08 -4.78
CA ARG A 63 -11.34 4.09 -3.91
C ARG A 63 -11.10 4.94 -2.66
N ASN A 64 -12.14 5.07 -1.82
CA ASN A 64 -12.06 5.84 -0.59
C ASN A 64 -12.39 4.97 0.62
N THR A 65 -11.63 5.16 1.70
CA THR A 65 -11.88 4.40 2.91
C THR A 65 -12.90 5.15 3.76
N ALA A 66 -13.56 4.45 4.68
CA ALA A 66 -14.60 5.06 5.52
C ALA A 66 -14.21 6.43 6.07
N THR A 67 -12.97 6.58 6.49
CA THR A 67 -12.50 7.88 7.01
C THR A 67 -12.30 8.88 5.87
N GLY A 68 -12.41 8.38 4.64
CA GLY A 68 -12.22 9.20 3.46
C GLY A 68 -10.82 9.09 2.93
N ARG A 69 -10.13 8.02 3.33
CA ARG A 69 -8.76 7.80 2.91
C ARG A 69 -8.72 6.95 1.66
N VAL A 70 -8.45 7.58 0.53
CA VAL A 70 -8.40 6.87 -0.74
C VAL A 70 -7.19 5.97 -0.84
N TYR A 71 -7.36 4.89 -1.60
CA TYR A 71 -6.31 3.94 -1.81
C TYR A 71 -6.26 3.51 -3.29
N PHE A 72 -5.58 2.41 -3.55
CA PHE A 72 -5.45 1.88 -4.89
C PHE A 72 -5.42 0.36 -4.82
N VAL A 73 -6.08 -0.30 -5.77
CA VAL A 73 -6.11 -1.76 -5.79
C VAL A 73 -5.36 -2.30 -7.00
N ASP A 74 -4.16 -2.83 -6.75
CA ASP A 74 -3.32 -3.37 -7.82
C ASP A 74 -3.61 -4.85 -8.04
N HIS A 75 -4.12 -5.18 -9.23
CA HIS A 75 -4.45 -6.56 -9.55
C HIS A 75 -3.24 -7.32 -10.09
N ASN A 76 -2.08 -6.69 -10.09
CA ASN A 76 -0.86 -7.34 -10.57
C ASN A 76 -0.43 -8.43 -9.60
N ASN A 77 -0.43 -8.10 -8.31
CA ASN A 77 -0.05 -9.05 -7.27
C ASN A 77 -1.24 -9.32 -6.34
N ARG A 78 -2.41 -8.80 -6.70
CA ARG A 78 -3.60 -8.99 -5.89
C ARG A 78 -3.43 -8.37 -4.51
N THR A 79 -3.46 -7.04 -4.45
CA THR A 79 -3.30 -6.33 -3.18
C THR A 79 -3.89 -4.92 -3.25
N THR A 80 -3.83 -4.22 -2.11
CA THR A 80 -4.31 -2.85 -2.01
C THR A 80 -3.18 -2.00 -1.47
N GLN A 81 -2.97 -0.79 -2.00
CA GLN A 81 -1.85 0.02 -1.54
C GLN A 81 -2.24 1.46 -1.18
N PHE A 82 -1.63 1.93 -0.11
CA PHE A 82 -1.84 3.28 0.41
C PHE A 82 -1.13 4.30 -0.48
N THR A 83 0.13 3.98 -0.83
CA THR A 83 0.94 4.85 -1.67
C THR A 83 0.60 4.66 -3.14
N ASP A 84 0.56 5.77 -3.88
CA ASP A 84 0.24 5.76 -5.30
C ASP A 84 1.32 5.07 -6.12
N PRO A 85 0.98 4.60 -7.33
CA PRO A 85 1.91 3.91 -8.22
C PRO A 85 2.97 4.84 -8.81
N ARG A 86 2.62 6.11 -8.93
CA ARG A 86 3.55 7.11 -9.46
C ARG A 86 4.20 7.94 -8.36
N LEU A 87 3.50 8.09 -7.23
CA LEU A 87 3.99 8.91 -6.13
C LEU A 87 5.46 8.66 -5.83
N SER A 88 5.73 7.47 -5.32
CA SER A 88 7.10 7.08 -4.98
C SER A 88 8.07 7.40 -6.10
N ALA A 89 7.62 7.23 -7.34
CA ALA A 89 8.46 7.51 -8.51
C ALA A 89 8.33 8.97 -8.93
N ASN A 90 8.76 9.88 -8.07
CA ASN A 90 8.70 11.30 -8.36
C ASN A 90 9.72 12.08 -7.52
N GLY B 1 -11.23 -10.03 17.25
CA GLY B 1 -10.58 -8.80 16.71
C GLY B 1 -11.60 -7.71 16.41
N PRO B 2 -11.68 -6.66 17.25
CA PRO B 2 -12.62 -5.56 17.05
C PRO B 2 -12.31 -4.76 15.78
N LEU B 3 -13.36 -4.42 15.04
CA LEU B 3 -13.20 -3.66 13.80
C LEU B 3 -12.51 -4.49 12.73
N GLY B 4 -11.24 -4.79 12.95
CA GLY B 4 -10.48 -5.59 11.98
C GLY B 4 -9.23 -6.19 12.59
N SER B 5 -8.10 -5.53 12.36
CA SER B 5 -6.83 -6.01 12.89
C SER B 5 -6.65 -5.63 14.35
N GLU B 6 -5.52 -6.01 14.93
CA GLU B 6 -5.23 -5.71 16.33
C GLU B 6 -4.74 -4.28 16.49
N LEU B 7 -4.26 -3.68 15.40
CA LEU B 7 -3.76 -2.32 15.43
C LEU B 7 -4.26 -1.52 14.22
N GLU B 8 -3.75 -0.30 14.08
CA GLU B 8 -4.11 0.59 12.98
C GLU B 8 -4.27 -0.15 11.65
N SER B 9 -5.46 -0.07 11.06
CA SER B 9 -5.72 -0.72 9.78
C SER B 9 -6.55 0.18 8.87
N PRO B 10 -5.88 1.08 8.14
CA PRO B 10 -6.51 2.04 7.23
C PRO B 10 -6.93 1.44 5.87
N PRO B 11 -5.99 0.95 5.01
CA PRO B 11 -6.34 0.37 3.71
C PRO B 11 -6.89 -1.04 3.85
N PRO B 12 -8.19 -1.23 3.57
CA PRO B 12 -8.83 -2.55 3.66
C PRO B 12 -8.17 -3.60 2.75
N PRO B 13 -7.73 -4.73 3.34
CA PRO B 13 -7.08 -5.83 2.60
C PRO B 13 -7.63 -6.04 1.19
N TYR B 14 -6.91 -6.83 0.40
CA TYR B 14 -7.29 -7.09 -1.00
C TYR B 14 -8.18 -8.31 -1.21
N SER B 15 -9.16 -8.10 -2.09
CA SER B 15 -10.12 -9.14 -2.48
C SER B 15 -10.87 -8.76 -3.73
N ARG B 16 -10.20 -8.05 -4.65
CA ARG B 16 -10.83 -7.60 -5.89
C ARG B 16 -11.87 -6.52 -5.60
N TYR B 17 -12.56 -6.70 -4.47
CA TYR B 17 -13.56 -5.75 -4.00
C TYR B 17 -13.25 -5.43 -2.55
N PRO B 18 -12.75 -4.22 -2.25
CA PRO B 18 -12.38 -3.79 -0.91
C PRO B 18 -13.12 -4.52 0.20
N MET B 19 -12.38 -5.32 0.96
CA MET B 19 -12.94 -6.09 2.05
C MET B 19 -12.37 -5.62 3.39
N ASP B 20 -13.25 -5.28 4.33
CA ASP B 20 -12.82 -4.83 5.64
C ASP B 20 -12.45 -6.01 6.54
N GLY A 1 12.03 -11.35 -1.51
CA GLY A 1 11.35 -12.64 -1.75
C GLY A 1 11.64 -13.67 -0.66
N PRO A 2 10.90 -14.79 -0.64
CA PRO A 2 11.10 -15.84 0.35
C PRO A 2 12.30 -16.74 0.04
N LEU A 3 12.43 -17.12 -1.23
CA LEU A 3 13.53 -17.98 -1.66
C LEU A 3 14.39 -17.25 -2.71
N GLY A 4 13.73 -16.60 -3.65
CA GLY A 4 14.45 -15.88 -4.68
C GLY A 4 13.57 -14.88 -5.41
N GLY A 5 13.89 -13.60 -5.26
CA GLY A 5 13.10 -12.56 -5.91
C GLY A 5 13.50 -11.17 -5.46
N SER A 6 13.28 -10.18 -6.32
CA SER A 6 13.61 -8.79 -6.01
C SER A 6 12.44 -8.09 -5.35
N PRO A 7 12.71 -7.14 -4.43
CA PRO A 7 11.67 -6.39 -3.73
C PRO A 7 10.87 -5.49 -4.66
N PRO A 8 9.60 -5.22 -4.34
CA PRO A 8 8.73 -4.36 -5.16
C PRO A 8 9.08 -2.88 -5.04
N ASP A 9 10.34 -2.57 -5.30
CA ASP A 9 10.82 -1.19 -5.25
C ASP A 9 10.62 -0.58 -3.85
N LEU A 10 11.51 -0.92 -2.93
CA LEU A 10 11.45 -0.39 -1.56
C LEU A 10 12.63 0.54 -1.31
N PRO A 11 12.51 1.46 -0.35
CA PRO A 11 13.57 2.42 -0.03
C PRO A 11 14.64 1.84 0.89
N GLU A 12 15.15 0.67 0.51
CA GLU A 12 16.19 0.01 1.28
C GLU A 12 15.74 -0.32 2.69
N GLY A 13 15.86 -1.60 3.06
CA GLY A 13 15.51 -2.03 4.40
C GLY A 13 14.05 -2.41 4.57
N TYR A 14 13.18 -2.00 3.64
CA TYR A 14 11.77 -2.32 3.75
C TYR A 14 11.36 -3.39 2.76
N GLU A 15 10.19 -3.96 2.97
CA GLU A 15 9.67 -4.98 2.11
C GLU A 15 8.17 -4.92 2.16
N GLN A 16 7.53 -5.04 1.01
CA GLN A 16 6.09 -4.99 0.98
C GLN A 16 5.53 -6.27 1.57
N ARG A 17 4.43 -6.13 2.30
CA ARG A 17 3.79 -7.28 2.91
C ARG A 17 2.28 -7.15 2.84
N THR A 18 1.57 -8.23 3.12
CA THR A 18 0.11 -8.21 3.07
C THR A 18 -0.50 -8.77 4.35
N THR A 19 -1.56 -8.11 4.82
CA THR A 19 -2.23 -8.55 6.03
C THR A 19 -3.41 -9.47 5.71
N GLN A 20 -3.34 -10.68 6.27
CA GLN A 20 -4.36 -11.71 6.11
C GLN A 20 -5.20 -11.61 4.83
N GLN A 21 -6.07 -10.60 4.73
CA GLN A 21 -6.95 -10.46 3.58
C GLN A 21 -6.34 -9.63 2.43
N GLY A 22 -5.01 -9.53 2.37
CA GLY A 22 -4.38 -8.81 1.27
C GLY A 22 -4.21 -7.32 1.47
N GLN A 23 -3.89 -6.89 2.67
CA GLN A 23 -3.68 -5.47 2.93
C GLN A 23 -2.18 -5.19 2.81
N VAL A 24 -1.80 -4.46 1.76
CA VAL A 24 -0.38 -4.18 1.53
C VAL A 24 0.12 -3.04 2.41
N TYR A 25 1.06 -3.36 3.28
CA TYR A 25 1.67 -2.37 4.15
C TYR A 25 3.18 -2.34 3.95
N PHE A 26 3.89 -1.59 4.78
CA PHE A 26 5.34 -1.50 4.66
C PHE A 26 6.03 -1.94 5.94
N LEU A 27 6.87 -2.95 5.81
CA LEU A 27 7.56 -3.50 6.97
C LEU A 27 9.09 -3.34 6.89
N HIS A 28 9.68 -3.17 8.06
CA HIS A 28 11.13 -3.05 8.20
C HIS A 28 11.69 -4.40 8.60
N THR A 29 11.99 -5.24 7.61
CA THR A 29 12.51 -6.58 7.84
C THR A 29 13.57 -6.58 8.94
N GLN A 30 14.30 -5.46 9.04
CA GLN A 30 15.35 -5.32 10.03
C GLN A 30 14.81 -5.43 11.45
N THR A 31 13.90 -4.54 11.79
CA THR A 31 13.32 -4.52 13.13
C THR A 31 11.86 -4.97 13.13
N GLY A 32 11.47 -5.73 12.10
CA GLY A 32 10.10 -6.20 12.02
C GLY A 32 9.09 -5.10 12.27
N VAL A 33 9.41 -3.89 11.83
CA VAL A 33 8.53 -2.75 12.00
C VAL A 33 7.51 -2.65 10.88
N SER A 34 6.39 -2.01 11.18
CA SER A 34 5.32 -1.84 10.20
C SER A 34 4.87 -0.39 10.12
N THR A 35 5.02 0.20 8.93
CA THR A 35 4.61 1.58 8.69
C THR A 35 3.74 1.67 7.45
N TRP A 36 2.83 2.63 7.45
CA TRP A 36 1.91 2.81 6.35
C TRP A 36 2.51 3.65 5.22
N HIS A 37 3.43 4.53 5.57
CA HIS A 37 4.05 5.40 4.57
C HIS A 37 5.28 4.75 3.96
N ASP A 38 5.54 5.07 2.69
CA ASP A 38 6.71 4.54 2.00
C ASP A 38 7.92 5.39 2.36
N PRO A 39 8.99 4.77 2.89
CA PRO A 39 10.18 5.52 3.28
C PRO A 39 10.78 6.32 2.13
N ARG A 40 10.49 5.91 0.89
CA ARG A 40 11.00 6.59 -0.28
C ARG A 40 10.37 7.98 -0.41
N VAL A 41 9.05 8.04 -0.25
CA VAL A 41 8.33 9.29 -0.35
C VAL A 41 8.40 10.07 0.95
N PRO A 42 8.38 11.41 0.88
CA PRO A 42 8.45 12.28 2.06
C PRO A 42 7.26 12.07 3.01
N ARG A 43 7.42 12.53 4.24
CA ARG A 43 6.37 12.41 5.24
C ARG A 43 5.26 13.44 5.03
N ASP A 44 5.66 14.64 4.62
CA ASP A 44 4.70 15.71 4.38
C ASP A 44 3.89 15.48 3.10
N LEU A 45 4.28 14.48 2.32
CA LEU A 45 3.58 14.19 1.07
C LEU A 45 3.60 12.70 0.76
N SER A 46 2.72 11.94 1.42
CA SER A 46 2.63 10.50 1.20
C SER A 46 1.22 10.14 0.71
N ASN A 47 0.22 10.78 1.30
CA ASN A 47 -1.17 10.54 0.91
C ASN A 47 -1.54 11.43 -0.28
N ILE A 48 -1.01 11.11 -1.45
CA ILE A 48 -1.27 11.88 -2.65
C ILE A 48 -2.24 11.16 -3.58
N ASN A 49 -2.70 11.87 -4.60
CA ASN A 49 -3.63 11.30 -5.58
C ASN A 49 -3.01 11.35 -6.97
N CYS A 50 -2.79 10.18 -7.55
CA CYS A 50 -2.16 10.06 -8.86
C CYS A 50 -2.90 10.83 -9.95
N GLU A 51 -4.22 10.95 -9.84
CA GLU A 51 -5.00 11.65 -10.86
C GLU A 51 -4.43 13.04 -11.14
N GLU A 52 -3.72 13.60 -10.16
CA GLU A 52 -3.12 14.93 -10.32
C GLU A 52 -1.75 14.86 -10.99
N LEU A 53 -1.24 13.64 -11.15
CA LEU A 53 0.07 13.43 -11.77
C LEU A 53 -0.07 12.69 -13.10
N GLY A 54 -1.14 11.94 -13.25
CA GLY A 54 -1.37 11.19 -14.47
C GLY A 54 -2.35 10.05 -14.28
N PRO A 55 -2.42 9.12 -15.24
CA PRO A 55 -3.33 7.97 -15.17
C PRO A 55 -2.79 6.85 -14.30
N LEU A 56 -3.71 6.06 -13.75
CA LEU A 56 -3.37 4.94 -12.90
C LEU A 56 -2.67 3.85 -13.74
N PRO A 57 -1.64 3.18 -13.20
CA PRO A 57 -0.89 2.16 -13.94
C PRO A 57 -1.65 0.84 -14.08
N PRO A 58 -1.06 -0.13 -14.83
CA PRO A 58 -1.67 -1.44 -15.04
C PRO A 58 -2.12 -2.09 -13.74
N GLY A 59 -3.27 -2.76 -13.77
CA GLY A 59 -3.76 -3.44 -12.59
C GLY A 59 -3.91 -2.55 -11.38
N TRP A 60 -4.91 -1.66 -11.39
CA TRP A 60 -5.15 -0.75 -10.25
C TRP A 60 -6.58 -0.24 -10.22
N GLU A 61 -7.00 0.20 -9.04
CA GLU A 61 -8.33 0.76 -8.83
C GLU A 61 -8.32 1.70 -7.62
N ILE A 62 -8.84 2.93 -7.79
CA ILE A 62 -8.87 3.89 -6.69
C ILE A 62 -10.15 3.77 -5.87
N ARG A 63 -10.01 3.87 -4.56
CA ARG A 63 -11.17 3.78 -3.67
C ARG A 63 -10.96 4.62 -2.42
N ASN A 64 -11.99 4.69 -1.57
CA ASN A 64 -11.92 5.47 -0.35
C ASN A 64 -12.18 4.60 0.87
N THR A 65 -11.37 4.77 1.91
CA THR A 65 -11.56 4.02 3.14
C THR A 65 -12.68 4.66 3.93
N ALA A 66 -13.29 3.90 4.84
CA ALA A 66 -14.41 4.38 5.64
C ALA A 66 -14.21 5.80 6.16
N THR A 67 -12.98 6.14 6.51
CA THR A 67 -12.69 7.49 7.01
C THR A 67 -12.66 8.50 5.86
N GLY A 68 -12.70 7.99 4.63
CA GLY A 68 -12.66 8.84 3.46
C GLY A 68 -11.27 8.89 2.89
N ARG A 69 -10.42 7.98 3.35
CA ARG A 69 -9.03 7.96 2.89
C ARG A 69 -8.88 7.10 1.66
N VAL A 70 -8.59 7.76 0.56
CA VAL A 70 -8.41 7.09 -0.72
C VAL A 70 -7.16 6.22 -0.74
N TYR A 71 -7.25 5.16 -1.53
CA TYR A 71 -6.17 4.22 -1.69
C TYR A 71 -6.18 3.68 -3.13
N PHE A 72 -5.60 2.51 -3.36
CA PHE A 72 -5.58 1.91 -4.68
C PHE A 72 -5.50 0.39 -4.55
N VAL A 73 -6.07 -0.30 -5.52
CA VAL A 73 -6.05 -1.76 -5.51
C VAL A 73 -5.36 -2.30 -6.75
N ASP A 74 -4.20 -2.92 -6.55
CA ASP A 74 -3.43 -3.50 -7.65
C ASP A 74 -3.73 -4.98 -7.81
N HIS A 75 -4.31 -5.33 -8.95
CA HIS A 75 -4.69 -6.70 -9.24
C HIS A 75 -3.53 -7.53 -9.76
N ASN A 76 -2.37 -6.90 -9.95
CA ASN A 76 -1.19 -7.62 -10.43
C ASN A 76 -0.72 -8.62 -9.38
N ASN A 77 -0.68 -8.17 -8.12
CA ASN A 77 -0.26 -9.02 -7.02
C ASN A 77 -1.40 -9.23 -6.02
N ARG A 78 -2.62 -8.93 -6.45
CA ARG A 78 -3.81 -9.08 -5.62
C ARG A 78 -3.60 -8.48 -4.22
N THR A 79 -3.63 -7.15 -4.14
CA THR A 79 -3.44 -6.46 -2.85
C THR A 79 -4.05 -5.06 -2.88
N THR A 80 -4.05 -4.40 -1.73
CA THR A 80 -4.55 -3.04 -1.60
C THR A 80 -3.41 -2.14 -1.13
N GLN A 81 -3.21 -1.02 -1.81
CA GLN A 81 -2.10 -0.13 -1.48
C GLN A 81 -2.54 1.18 -0.84
N PHE A 82 -1.56 1.88 -0.30
CA PHE A 82 -1.77 3.17 0.35
C PHE A 82 -1.03 4.27 -0.42
N THR A 83 0.25 4.05 -0.67
CA THR A 83 1.06 5.02 -1.41
C THR A 83 0.84 4.80 -2.90
N ASP A 84 0.88 5.87 -3.69
CA ASP A 84 0.66 5.78 -5.12
C ASP A 84 1.78 5.01 -5.81
N PRO A 85 1.52 4.53 -7.05
CA PRO A 85 2.49 3.78 -7.83
C PRO A 85 3.55 4.68 -8.47
N ARG A 86 3.19 5.94 -8.71
CA ARG A 86 4.10 6.90 -9.30
C ARG A 86 4.73 7.81 -8.25
N LEU A 87 4.01 8.02 -7.14
CA LEU A 87 4.47 8.92 -6.07
C LEU A 87 5.97 8.81 -5.82
N SER A 88 6.40 7.65 -5.32
CA SER A 88 7.81 7.41 -5.03
C SER A 88 8.73 8.06 -6.06
N ALA A 89 8.29 8.12 -7.31
CA ALA A 89 9.07 8.72 -8.37
C ALA A 89 8.39 9.98 -8.93
N ASN A 90 8.60 11.10 -8.26
CA ASN A 90 8.02 12.37 -8.68
C ASN A 90 8.90 13.54 -8.25
N GLY B 1 -17.32 0.22 11.25
CA GLY B 1 -16.04 0.24 10.49
C GLY B 1 -14.83 0.37 11.41
N PRO B 2 -14.07 -0.73 11.61
CA PRO B 2 -12.89 -0.72 12.47
C PRO B 2 -11.69 -0.08 11.78
N LEU B 3 -11.24 1.05 12.31
CA LEU B 3 -10.10 1.76 11.73
C LEU B 3 -8.87 1.63 12.63
N GLY B 4 -9.05 1.78 13.93
CA GLY B 4 -7.95 1.68 14.86
C GLY B 4 -8.06 0.51 15.81
N SER B 5 -6.96 -0.22 15.98
CA SER B 5 -6.93 -1.36 16.88
C SER B 5 -5.62 -1.35 17.67
N GLU B 6 -4.53 -1.75 17.01
CA GLU B 6 -3.22 -1.76 17.63
C GLU B 6 -2.56 -0.40 17.43
N LEU B 7 -2.68 0.12 16.21
CA LEU B 7 -2.11 1.41 15.86
C LEU B 7 -3.02 2.13 14.86
N GLU B 8 -2.83 1.88 13.57
CA GLU B 8 -3.64 2.49 12.52
C GLU B 8 -3.71 1.59 11.28
N SER B 9 -4.92 1.36 10.76
CA SER B 9 -5.05 0.51 9.58
C SER B 9 -6.14 1.02 8.63
N PRO B 10 -5.79 1.97 7.74
CA PRO B 10 -6.72 2.56 6.78
C PRO B 10 -7.00 1.68 5.55
N PRO B 11 -6.00 1.40 4.66
CA PRO B 11 -6.23 0.59 3.46
C PRO B 11 -6.93 -0.73 3.77
N PRO B 12 -8.15 -0.93 3.24
CA PRO B 12 -8.91 -2.17 3.46
C PRO B 12 -8.33 -3.35 2.67
N PRO B 13 -8.00 -4.45 3.36
CA PRO B 13 -7.43 -5.65 2.75
C PRO B 13 -7.94 -5.95 1.33
N TYR B 14 -7.22 -6.80 0.61
CA TYR B 14 -7.55 -7.14 -0.77
C TYR B 14 -8.43 -8.38 -0.95
N SER B 15 -9.27 -8.29 -1.99
CA SER B 15 -10.19 -9.37 -2.35
C SER B 15 -10.75 -9.21 -3.76
N ARG B 16 -9.96 -8.62 -4.66
CA ARG B 16 -10.41 -8.39 -6.04
C ARG B 16 -11.45 -7.28 -6.07
N TYR B 17 -12.30 -7.28 -5.05
CA TYR B 17 -13.34 -6.28 -4.87
C TYR B 17 -13.23 -5.74 -3.45
N PRO B 18 -12.58 -4.57 -3.27
CA PRO B 18 -12.36 -3.94 -1.97
C PRO B 18 -13.34 -4.39 -0.89
N MET B 19 -12.88 -5.31 -0.03
CA MET B 19 -13.68 -5.84 1.05
C MET B 19 -13.80 -4.83 2.19
N ASP B 20 -14.96 -4.18 2.27
CA ASP B 20 -15.21 -3.19 3.30
C ASP B 20 -16.34 -3.62 4.23
N GLY A 1 13.90 -15.84 -12.82
CA GLY A 1 14.03 -16.00 -14.30
C GLY A 1 13.02 -15.15 -15.06
N PRO A 2 12.55 -15.62 -16.23
CA PRO A 2 11.58 -14.90 -17.04
C PRO A 2 10.16 -14.99 -16.49
N LEU A 3 9.92 -14.32 -15.36
CA LEU A 3 8.61 -14.33 -14.73
C LEU A 3 7.91 -12.99 -14.91
N GLY A 4 8.68 -11.91 -14.81
CA GLY A 4 8.12 -10.58 -14.96
C GLY A 4 7.59 -10.02 -13.66
N GLY A 5 8.43 -10.02 -12.64
CA GLY A 5 8.03 -9.50 -11.33
C GLY A 5 8.68 -8.17 -11.03
N SER A 6 7.87 -7.17 -10.71
CA SER A 6 8.38 -5.84 -10.38
C SER A 6 8.29 -5.58 -8.88
N PRO A 7 9.41 -5.67 -8.16
CA PRO A 7 9.45 -5.44 -6.72
C PRO A 7 9.28 -3.97 -6.37
N PRO A 8 8.96 -3.68 -5.09
CA PRO A 8 8.78 -2.30 -4.62
C PRO A 8 10.11 -1.57 -4.51
N ASP A 9 10.41 -0.75 -5.51
CA ASP A 9 11.65 0.01 -5.51
C ASP A 9 11.64 1.08 -4.43
N LEU A 10 11.61 0.64 -3.18
CA LEU A 10 11.59 1.54 -2.04
C LEU A 10 12.99 1.59 -1.41
N PRO A 11 13.19 2.36 -0.33
CA PRO A 11 14.50 2.48 0.32
C PRO A 11 15.01 1.18 0.90
N GLU A 12 16.04 1.30 1.72
CA GLU A 12 16.63 0.14 2.37
C GLU A 12 15.91 -0.18 3.67
N GLY A 13 15.85 -1.46 3.99
CA GLY A 13 15.22 -1.89 5.21
C GLY A 13 13.73 -2.13 5.10
N TYR A 14 13.07 -1.61 4.05
CA TYR A 14 11.64 -1.81 3.91
C TYR A 14 11.31 -2.88 2.88
N GLU A 15 10.17 -3.51 3.07
CA GLU A 15 9.72 -4.55 2.17
C GLU A 15 8.21 -4.56 2.18
N GLN A 16 7.63 -4.77 1.02
CA GLN A 16 6.19 -4.78 0.94
C GLN A 16 5.65 -6.05 1.57
N ARG A 17 4.54 -5.92 2.27
CA ARG A 17 3.92 -7.07 2.92
C ARG A 17 2.41 -6.99 2.82
N THR A 18 1.73 -8.10 3.09
CA THR A 18 0.29 -8.14 3.03
C THR A 18 -0.31 -8.81 4.25
N THR A 19 -1.44 -8.29 4.72
CA THR A 19 -2.12 -8.85 5.88
C THR A 19 -3.17 -9.86 5.45
N GLN A 20 -3.03 -11.08 5.97
CA GLN A 20 -3.93 -12.21 5.69
C GLN A 20 -4.93 -12.00 4.55
N GLN A 21 -5.72 -10.93 4.61
CA GLN A 21 -6.74 -10.69 3.58
C GLN A 21 -6.29 -9.75 2.45
N GLY A 22 -4.97 -9.62 2.24
CA GLY A 22 -4.47 -8.78 1.15
C GLY A 22 -4.34 -7.31 1.47
N GLN A 23 -3.86 -6.97 2.65
CA GLN A 23 -3.66 -5.57 3.01
C GLN A 23 -2.17 -5.24 2.92
N VAL A 24 -1.80 -4.47 1.89
CA VAL A 24 -0.41 -4.12 1.68
C VAL A 24 0.05 -3.02 2.64
N TYR A 25 1.12 -3.32 3.36
CA TYR A 25 1.71 -2.38 4.29
C TYR A 25 3.22 -2.30 4.09
N PHE A 26 3.90 -1.51 4.90
CA PHE A 26 5.35 -1.37 4.79
C PHE A 26 6.05 -1.88 6.03
N LEU A 27 6.81 -2.96 5.85
CA LEU A 27 7.52 -3.57 6.96
C LEU A 27 9.03 -3.37 6.85
N HIS A 28 9.65 -3.25 8.02
CA HIS A 28 11.10 -3.11 8.10
C HIS A 28 11.71 -4.47 8.40
N THR A 29 11.97 -5.24 7.35
CA THR A 29 12.54 -6.58 7.49
C THR A 29 13.68 -6.57 8.51
N GLN A 30 14.36 -5.43 8.59
CA GLN A 30 15.48 -5.26 9.51
C GLN A 30 15.04 -5.46 10.96
N THR A 31 14.10 -4.64 11.41
CA THR A 31 13.61 -4.72 12.78
C THR A 31 12.18 -5.24 12.84
N GLY A 32 11.73 -5.91 11.78
CA GLY A 32 10.39 -6.44 11.75
C GLY A 32 9.35 -5.39 12.08
N VAL A 33 9.63 -4.15 11.71
CA VAL A 33 8.74 -3.04 11.96
C VAL A 33 7.64 -2.97 10.92
N SER A 34 6.53 -2.35 11.31
CA SER A 34 5.37 -2.21 10.41
C SER A 34 4.83 -0.78 10.44
N THR A 35 4.82 -0.14 9.27
CA THR A 35 4.33 1.24 9.15
C THR A 35 3.43 1.39 7.93
N TRP A 36 2.54 2.37 7.97
CA TRP A 36 1.62 2.63 6.87
C TRP A 36 2.21 3.53 5.80
N HIS A 37 3.07 4.46 6.21
CA HIS A 37 3.67 5.39 5.26
C HIS A 37 4.93 4.82 4.63
N ASP A 38 5.14 5.15 3.36
CA ASP A 38 6.32 4.70 2.63
C ASP A 38 7.51 5.55 3.05
N PRO A 39 8.73 4.99 3.07
CA PRO A 39 9.91 5.73 3.50
C PRO A 39 10.50 6.61 2.40
N ARG A 40 10.29 6.24 1.13
CA ARG A 40 10.81 7.03 0.03
C ARG A 40 10.07 8.35 -0.11
N VAL A 41 8.75 8.29 0.01
CA VAL A 41 7.93 9.48 -0.11
C VAL A 41 7.77 10.17 1.24
N PRO A 42 7.26 11.42 1.26
CA PRO A 42 7.08 12.18 2.51
C PRO A 42 5.93 11.64 3.34
N ARG A 43 5.90 12.01 4.62
CA ARG A 43 4.86 11.56 5.53
C ARG A 43 3.53 12.24 5.26
N ASP A 44 3.54 13.56 5.21
CA ASP A 44 2.32 14.33 4.97
C ASP A 44 1.94 14.34 3.49
N LEU A 45 2.69 13.63 2.67
CA LEU A 45 2.42 13.58 1.23
C LEU A 45 1.89 12.21 0.83
N SER A 46 2.53 11.16 1.35
CA SER A 46 2.16 9.76 1.07
C SER A 46 0.82 9.64 0.36
N ASN A 47 -0.24 10.11 1.01
CA ASN A 47 -1.57 10.04 0.44
C ASN A 47 -1.76 11.02 -0.71
N ILE A 48 -1.19 10.69 -1.88
CA ILE A 48 -1.32 11.55 -3.05
C ILE A 48 -2.17 10.87 -4.12
N ASN A 49 -3.06 11.64 -4.74
CA ASN A 49 -3.91 11.10 -5.79
C ASN A 49 -3.23 11.22 -7.14
N CYS A 50 -2.87 10.07 -7.73
CA CYS A 50 -2.19 10.03 -9.02
C CYS A 50 -2.90 10.87 -10.08
N GLU A 51 -4.19 11.14 -9.87
CA GLU A 51 -4.97 11.93 -10.82
C GLU A 51 -4.26 13.24 -11.17
N GLU A 52 -3.42 13.73 -10.26
CA GLU A 52 -2.69 14.97 -10.49
C GLU A 52 -1.31 14.71 -11.10
N LEU A 53 -0.96 13.45 -11.29
CA LEU A 53 0.34 13.08 -11.86
C LEU A 53 0.17 12.41 -13.21
N GLY A 54 -0.92 11.68 -13.39
CA GLY A 54 -1.17 10.99 -14.65
C GLY A 54 -2.08 9.79 -14.48
N PRO A 55 -2.03 8.83 -15.43
CA PRO A 55 -2.85 7.62 -15.40
C PRO A 55 -2.34 6.56 -14.42
N LEU A 56 -3.25 5.72 -13.98
CA LEU A 56 -2.94 4.63 -13.06
C LEU A 56 -2.42 3.44 -13.85
N PRO A 57 -1.38 2.73 -13.36
CA PRO A 57 -0.81 1.60 -14.08
C PRO A 57 -1.88 0.58 -14.43
N PRO A 58 -1.58 -0.39 -15.31
CA PRO A 58 -2.57 -1.39 -15.68
C PRO A 58 -2.74 -2.48 -14.64
N GLY A 59 -3.89 -2.46 -13.99
CA GLY A 59 -4.18 -3.40 -12.92
C GLY A 59 -4.30 -2.71 -11.60
N TRP A 60 -5.06 -1.62 -11.58
CA TRP A 60 -5.27 -0.83 -10.37
C TRP A 60 -6.67 -0.24 -10.33
N GLU A 61 -7.04 0.30 -9.17
CA GLU A 61 -8.33 0.93 -8.99
C GLU A 61 -8.29 1.91 -7.81
N ILE A 62 -8.83 3.11 -8.00
CA ILE A 62 -8.84 4.12 -6.94
C ILE A 62 -10.07 3.95 -6.06
N ARG A 63 -9.89 4.07 -4.75
CA ARG A 63 -11.02 3.93 -3.82
C ARG A 63 -10.81 4.77 -2.56
N ASN A 64 -11.81 4.78 -1.68
CA ASN A 64 -11.75 5.55 -0.44
C ASN A 64 -12.04 4.66 0.77
N THR A 65 -11.30 4.87 1.84
CA THR A 65 -11.51 4.11 3.07
C THR A 65 -12.61 4.80 3.88
N ALA A 66 -13.25 4.06 4.78
CA ALA A 66 -14.34 4.60 5.60
C ALA A 66 -14.06 5.99 6.13
N THR A 67 -12.84 6.25 6.56
CA THR A 67 -12.48 7.56 7.08
C THR A 67 -12.44 8.58 5.93
N GLY A 68 -12.42 8.05 4.71
CA GLY A 68 -12.37 8.89 3.52
C GLY A 68 -10.98 8.91 2.93
N ARG A 69 -10.15 7.97 3.38
CA ARG A 69 -8.77 7.91 2.90
C ARG A 69 -8.67 7.08 1.63
N VAL A 70 -8.46 7.76 0.50
CA VAL A 70 -8.35 7.08 -0.78
C VAL A 70 -7.08 6.25 -0.86
N TYR A 71 -7.16 5.17 -1.62
CA TYR A 71 -6.04 4.28 -1.81
C TYR A 71 -6.01 3.75 -3.25
N PHE A 72 -5.36 2.62 -3.47
CA PHE A 72 -5.28 2.00 -4.79
C PHE A 72 -5.25 0.49 -4.67
N VAL A 73 -5.96 -0.18 -5.56
CA VAL A 73 -6.01 -1.63 -5.55
C VAL A 73 -5.24 -2.19 -6.74
N ASP A 74 -4.24 -3.04 -6.46
CA ASP A 74 -3.44 -3.64 -7.52
C ASP A 74 -3.76 -5.11 -7.71
N HIS A 75 -4.50 -5.42 -8.78
CA HIS A 75 -4.90 -6.80 -9.07
C HIS A 75 -3.73 -7.65 -9.56
N ASN A 76 -2.59 -7.02 -9.79
CA ASN A 76 -1.40 -7.74 -10.24
C ASN A 76 -1.00 -8.76 -9.19
N ASN A 77 -1.10 -8.36 -7.93
CA ASN A 77 -0.77 -9.23 -6.81
C ASN A 77 -1.97 -9.35 -5.87
N ARG A 78 -3.10 -8.77 -6.26
CA ARG A 78 -4.30 -8.81 -5.46
C ARG A 78 -4.07 -8.16 -4.10
N THR A 79 -4.10 -6.83 -4.05
CA THR A 79 -3.87 -6.11 -2.80
C THR A 79 -4.38 -4.67 -2.87
N THR A 80 -4.24 -3.97 -1.74
CA THR A 80 -4.64 -2.57 -1.63
C THR A 80 -3.43 -1.78 -1.10
N GLN A 81 -3.12 -0.64 -1.72
CA GLN A 81 -1.96 0.13 -1.29
C GLN A 81 -2.29 1.58 -0.96
N PHE A 82 -1.52 2.14 -0.05
CA PHE A 82 -1.68 3.52 0.38
C PHE A 82 -0.97 4.45 -0.59
N THR A 83 0.29 4.13 -0.89
CA THR A 83 1.11 4.93 -1.79
C THR A 83 0.84 4.55 -3.24
N ASP A 84 0.83 5.55 -4.11
CA ASP A 84 0.59 5.33 -5.53
C ASP A 84 1.73 4.54 -6.18
N PRO A 85 1.46 3.87 -7.30
CA PRO A 85 2.46 3.09 -8.02
C PRO A 85 3.54 3.97 -8.65
N ARG A 86 3.19 5.24 -8.90
CA ARG A 86 4.11 6.21 -9.48
C ARG A 86 4.74 7.12 -8.43
N LEU A 87 4.04 7.30 -7.31
CA LEU A 87 4.50 8.19 -6.24
C LEU A 87 5.99 8.02 -5.95
N SER A 88 6.34 6.87 -5.41
CA SER A 88 7.72 6.56 -5.05
C SER A 88 8.67 6.72 -6.25
N ALA A 89 8.11 6.65 -7.47
CA ALA A 89 8.94 6.77 -8.66
C ALA A 89 8.34 7.79 -9.65
N ASN A 90 8.84 9.02 -9.58
CA ASN A 90 8.36 10.08 -10.46
C ASN A 90 9.31 10.29 -11.63
N GLY B 1 -3.91 -11.70 20.84
CA GLY B 1 -4.88 -10.81 20.15
C GLY B 1 -4.82 -10.94 18.64
N PRO B 2 -5.90 -11.42 17.99
CA PRO B 2 -5.93 -11.58 16.53
C PRO B 2 -5.78 -10.24 15.81
N LEU B 3 -5.53 -10.31 14.49
CA LEU B 3 -5.35 -9.11 13.69
C LEU B 3 -6.69 -8.63 13.13
N GLY B 4 -6.72 -7.41 12.64
CA GLY B 4 -7.94 -6.85 12.08
C GLY B 4 -8.37 -5.58 12.79
N SER B 5 -9.68 -5.39 12.90
CA SER B 5 -10.23 -4.21 13.57
C SER B 5 -9.82 -2.93 12.84
N GLU B 6 -10.18 -1.79 13.41
CA GLU B 6 -9.86 -0.50 12.82
C GLU B 6 -8.49 -0.01 13.31
N LEU B 7 -8.41 0.27 14.62
CA LEU B 7 -7.17 0.75 15.24
C LEU B 7 -6.48 1.79 14.35
N GLU B 8 -5.63 1.32 13.43
CA GLU B 8 -4.93 2.21 12.53
C GLU B 8 -4.66 1.51 11.21
N SER B 9 -5.66 0.77 10.73
CA SER B 9 -5.53 0.04 9.47
C SER B 9 -6.51 0.57 8.41
N PRO B 10 -6.11 1.62 7.69
CA PRO B 10 -6.95 2.25 6.66
C PRO B 10 -7.10 1.39 5.39
N PRO B 11 -6.02 1.15 4.60
CA PRO B 11 -6.13 0.34 3.38
C PRO B 11 -6.72 -1.04 3.68
N PRO B 12 -8.00 -1.26 3.34
CA PRO B 12 -8.67 -2.54 3.60
C PRO B 12 -8.09 -3.69 2.76
N PRO B 13 -7.78 -4.84 3.41
CA PRO B 13 -7.22 -6.00 2.73
C PRO B 13 -7.93 -6.28 1.40
N TYR B 14 -7.24 -6.95 0.49
CA TYR B 14 -7.81 -7.21 -0.82
C TYR B 14 -8.38 -8.62 -1.06
N SER B 15 -9.36 -8.61 -1.96
CA SER B 15 -10.07 -9.81 -2.40
C SER B 15 -10.89 -9.53 -3.66
N ARG B 16 -10.26 -8.85 -4.62
CA ARG B 16 -10.92 -8.48 -5.87
C ARG B 16 -12.00 -7.44 -5.63
N TYR B 17 -12.68 -7.54 -4.50
CA TYR B 17 -13.73 -6.60 -4.12
C TYR B 17 -13.36 -5.93 -2.80
N PRO B 18 -13.01 -4.63 -2.83
CA PRO B 18 -12.61 -3.87 -1.64
C PRO B 18 -13.33 -4.33 -0.37
N MET B 19 -12.68 -5.22 0.38
CA MET B 19 -13.24 -5.75 1.62
C MET B 19 -13.19 -4.70 2.73
N ASP B 20 -14.28 -3.95 2.87
CA ASP B 20 -14.34 -2.91 3.90
C ASP B 20 -15.77 -2.80 4.46
N GLY A 1 8.89 -6.66 -19.30
CA GLY A 1 7.92 -6.89 -18.19
C GLY A 1 6.94 -8.00 -18.49
N PRO A 2 7.32 -9.27 -18.23
CA PRO A 2 6.45 -10.42 -18.48
C PRO A 2 5.32 -10.54 -17.47
N LEU A 3 5.66 -10.38 -16.19
CA LEU A 3 4.68 -10.47 -15.12
C LEU A 3 5.12 -9.65 -13.91
N GLY A 4 4.25 -9.57 -12.91
CA GLY A 4 4.56 -8.81 -11.71
C GLY A 4 5.48 -9.57 -10.77
N GLY A 5 6.36 -8.85 -10.10
CA GLY A 5 7.28 -9.47 -9.17
C GLY A 5 8.60 -8.74 -9.07
N SER A 6 8.54 -7.45 -8.79
CA SER A 6 9.73 -6.62 -8.68
C SER A 6 9.56 -5.57 -7.57
N PRO A 7 10.67 -5.06 -7.03
CA PRO A 7 10.65 -4.05 -5.96
C PRO A 7 9.95 -2.77 -6.42
N PRO A 8 9.22 -2.10 -5.49
CA PRO A 8 8.51 -0.86 -5.80
C PRO A 8 9.38 0.37 -5.63
N ASP A 9 10.64 0.26 -5.99
CA ASP A 9 11.59 1.36 -5.88
C ASP A 9 11.55 1.95 -4.47
N LEU A 10 11.51 1.08 -3.48
CA LEU A 10 11.46 1.49 -2.09
C LEU A 10 12.88 1.58 -1.52
N PRO A 11 13.03 2.26 -0.36
CA PRO A 11 14.33 2.44 0.29
C PRO A 11 14.92 1.15 0.82
N GLU A 12 15.89 1.28 1.70
CA GLU A 12 16.53 0.11 2.29
C GLU A 12 15.90 -0.21 3.64
N GLY A 13 15.98 -1.46 4.03
CA GLY A 13 15.42 -1.88 5.30
C GLY A 13 13.92 -2.12 5.27
N TYR A 14 13.24 -1.61 4.23
CA TYR A 14 11.80 -1.80 4.13
C TYR A 14 11.46 -2.81 3.05
N GLU A 15 10.31 -3.44 3.21
CA GLU A 15 9.84 -4.44 2.26
C GLU A 15 8.33 -4.43 2.27
N GLN A 16 7.75 -4.52 1.09
CA GLN A 16 6.32 -4.52 1.02
C GLN A 16 5.82 -5.88 1.48
N ARG A 17 4.70 -5.89 2.17
CA ARG A 17 4.12 -7.12 2.66
C ARG A 17 2.61 -7.06 2.56
N THR A 18 1.95 -8.18 2.82
CA THR A 18 0.50 -8.22 2.76
C THR A 18 -0.08 -8.92 3.97
N THR A 19 -1.19 -8.39 4.47
CA THR A 19 -1.85 -8.98 5.63
C THR A 19 -2.84 -10.04 5.16
N GLN A 20 -3.06 -11.03 6.02
CA GLN A 20 -3.97 -12.15 5.75
C GLN A 20 -4.88 -11.94 4.53
N GLN A 21 -5.73 -10.93 4.58
CA GLN A 21 -6.69 -10.68 3.50
C GLN A 21 -6.17 -9.80 2.34
N GLY A 22 -4.85 -9.68 2.17
CA GLY A 22 -4.32 -8.91 1.06
C GLY A 22 -4.15 -7.42 1.34
N GLN A 23 -3.66 -7.07 2.52
CA GLN A 23 -3.46 -5.66 2.82
C GLN A 23 -1.98 -5.30 2.69
N VAL A 24 -1.67 -4.47 1.70
CA VAL A 24 -0.28 -4.06 1.47
C VAL A 24 0.15 -2.98 2.45
N TYR A 25 1.23 -3.25 3.16
CA TYR A 25 1.79 -2.31 4.11
C TYR A 25 3.31 -2.23 3.96
N PHE A 26 3.97 -1.52 4.86
CA PHE A 26 5.42 -1.38 4.79
C PHE A 26 6.07 -1.90 6.07
N LEU A 27 6.95 -2.88 5.92
CA LEU A 27 7.63 -3.48 7.05
C LEU A 27 9.15 -3.33 6.98
N HIS A 28 9.75 -3.22 8.16
CA HIS A 28 11.20 -3.13 8.27
C HIS A 28 11.76 -4.50 8.59
N THR A 29 12.00 -5.30 7.55
CA THR A 29 12.52 -6.66 7.72
C THR A 29 13.61 -6.69 8.78
N GLN A 30 14.41 -5.62 8.79
CA GLN A 30 15.52 -5.49 9.72
C GLN A 30 15.10 -5.73 11.17
N THR A 31 14.17 -4.93 11.65
CA THR A 31 13.69 -5.03 13.02
C THR A 31 12.31 -5.69 13.11
N GLY A 32 11.65 -5.82 11.97
CA GLY A 32 10.33 -6.41 11.94
C GLY A 32 9.29 -5.39 12.31
N VAL A 33 9.48 -4.16 11.82
CA VAL A 33 8.58 -3.06 12.09
C VAL A 33 7.55 -2.90 10.98
N SER A 34 6.43 -2.31 11.33
CA SER A 34 5.34 -2.10 10.38
C SER A 34 4.88 -0.64 10.36
N THR A 35 5.07 0.03 9.22
CA THR A 35 4.66 1.42 9.06
C THR A 35 3.76 1.58 7.85
N TRP A 36 2.81 2.50 7.95
CA TRP A 36 1.86 2.74 6.87
C TRP A 36 2.40 3.68 5.79
N HIS A 37 3.31 4.57 6.16
CA HIS A 37 3.86 5.51 5.20
C HIS A 37 5.14 4.99 4.55
N ASP A 38 5.34 5.36 3.29
CA ASP A 38 6.53 4.96 2.56
C ASP A 38 7.73 5.77 3.05
N PRO A 39 8.89 5.12 3.24
CA PRO A 39 10.07 5.82 3.72
C PRO A 39 10.74 6.67 2.65
N ARG A 40 10.65 6.26 1.39
CA ARG A 40 11.27 7.01 0.30
C ARG A 40 10.49 8.28 -0.04
N VAL A 41 9.16 8.19 -0.01
CA VAL A 41 8.33 9.34 -0.33
C VAL A 41 8.26 10.32 0.84
N PRO A 42 7.99 11.60 0.55
CA PRO A 42 7.91 12.65 1.57
C PRO A 42 6.70 12.50 2.49
N ARG A 43 6.75 13.18 3.63
CA ARG A 43 5.67 13.11 4.61
C ARG A 43 4.38 13.71 4.05
N ASP A 44 4.47 14.94 3.55
CA ASP A 44 3.30 15.63 2.99
C ASP A 44 2.96 15.11 1.59
N LEU A 45 3.76 14.20 1.07
CA LEU A 45 3.53 13.66 -0.26
C LEU A 45 3.10 12.20 -0.20
N SER A 46 2.18 11.90 0.72
CA SER A 46 1.67 10.54 0.89
C SER A 46 0.16 10.51 0.66
N ASN A 47 -0.32 9.47 -0.01
CA ASN A 47 -1.74 9.33 -0.30
C ASN A 47 -2.20 10.39 -1.30
N ILE A 48 -1.50 10.43 -2.44
CA ILE A 48 -1.82 11.40 -3.49
C ILE A 48 -2.77 10.80 -4.52
N ASN A 49 -3.78 11.56 -4.91
CA ASN A 49 -4.74 11.09 -5.92
C ASN A 49 -4.09 11.19 -7.30
N CYS A 50 -3.34 10.15 -7.66
CA CYS A 50 -2.63 10.09 -8.94
C CYS A 50 -3.46 10.64 -10.10
N GLU A 51 -4.78 10.57 -9.99
CA GLU A 51 -5.65 11.07 -11.06
C GLU A 51 -5.22 12.45 -11.54
N GLU A 52 -4.56 13.21 -10.68
CA GLU A 52 -4.10 14.55 -11.05
C GLU A 52 -2.92 14.48 -12.00
N LEU A 53 -2.05 13.53 -11.76
CA LEU A 53 -0.87 13.34 -12.59
C LEU A 53 -1.27 12.79 -13.96
N GLY A 54 -1.51 11.48 -14.01
CA GLY A 54 -1.89 10.85 -15.27
C GLY A 54 -2.84 9.69 -15.06
N PRO A 55 -2.71 8.62 -15.87
CA PRO A 55 -3.57 7.45 -15.77
C PRO A 55 -2.99 6.36 -14.87
N LEU A 56 -3.87 5.70 -14.12
CA LEU A 56 -3.49 4.62 -13.23
C LEU A 56 -2.89 3.49 -14.04
N PRO A 57 -1.88 2.77 -13.52
CA PRO A 57 -1.24 1.68 -14.26
C PRO A 57 -2.03 0.37 -14.23
N PRO A 58 -1.57 -0.65 -14.98
CA PRO A 58 -2.23 -1.96 -15.04
C PRO A 58 -2.52 -2.51 -13.66
N GLY A 59 -3.65 -3.18 -13.51
CA GLY A 59 -4.00 -3.77 -12.22
C GLY A 59 -4.11 -2.78 -11.09
N TRP A 60 -5.05 -1.84 -11.19
CA TRP A 60 -5.24 -0.83 -10.13
C TRP A 60 -6.64 -0.23 -10.13
N GLU A 61 -7.10 0.16 -8.92
CA GLU A 61 -8.41 0.81 -8.74
C GLU A 61 -8.28 1.88 -7.65
N ILE A 62 -8.84 3.09 -7.85
CA ILE A 62 -8.70 4.14 -6.82
C ILE A 62 -9.94 4.31 -5.95
N ARG A 63 -9.92 3.69 -4.78
CA ARG A 63 -11.06 3.72 -3.88
C ARG A 63 -10.86 4.68 -2.73
N ASN A 64 -11.89 4.79 -1.88
CA ASN A 64 -11.86 5.66 -0.71
C ASN A 64 -12.09 4.86 0.56
N THR A 65 -11.36 5.19 1.62
CA THR A 65 -11.53 4.49 2.89
C THR A 65 -12.61 5.21 3.68
N ALA A 66 -13.22 4.51 4.64
CA ALA A 66 -14.30 5.08 5.46
C ALA A 66 -14.00 6.50 5.93
N THR A 67 -12.75 6.77 6.24
CA THR A 67 -12.37 8.12 6.69
C THR A 67 -12.26 9.08 5.51
N GLY A 68 -12.46 8.55 4.30
CA GLY A 68 -12.35 9.34 3.10
C GLY A 68 -10.94 9.35 2.56
N ARG A 69 -10.16 8.36 2.98
CA ARG A 69 -8.78 8.25 2.54
C ARG A 69 -8.69 7.26 1.40
N VAL A 70 -8.54 7.77 0.19
CA VAL A 70 -8.48 6.92 -0.99
C VAL A 70 -7.23 6.08 -1.04
N TYR A 71 -7.37 4.93 -1.64
CA TYR A 71 -6.27 4.00 -1.81
C TYR A 71 -6.24 3.51 -3.25
N PHE A 72 -5.50 2.44 -3.50
CA PHE A 72 -5.41 1.85 -4.81
C PHE A 72 -5.47 0.34 -4.71
N VAL A 73 -6.38 -0.25 -5.44
CA VAL A 73 -6.55 -1.69 -5.42
C VAL A 73 -5.78 -2.36 -6.54
N ASP A 74 -4.66 -2.99 -6.19
CA ASP A 74 -3.84 -3.69 -7.15
C ASP A 74 -4.59 -4.94 -7.59
N HIS A 75 -4.26 -5.47 -8.76
CA HIS A 75 -4.90 -6.68 -9.24
C HIS A 75 -3.90 -7.62 -9.92
N ASN A 76 -2.64 -7.20 -9.99
CA ASN A 76 -1.60 -8.02 -10.61
C ASN A 76 -1.12 -9.07 -9.62
N ASN A 77 -1.18 -8.72 -8.34
CA ASN A 77 -0.77 -9.61 -7.27
C ASN A 77 -1.90 -9.78 -6.25
N ARG A 78 -3.08 -9.24 -6.58
CA ARG A 78 -4.22 -9.32 -5.70
C ARG A 78 -3.93 -8.60 -4.39
N THR A 79 -3.94 -7.26 -4.40
CA THR A 79 -3.63 -6.52 -3.19
C THR A 79 -4.24 -5.11 -3.20
N THR A 80 -4.13 -4.43 -2.06
CA THR A 80 -4.60 -3.06 -1.90
C THR A 80 -3.44 -2.22 -1.39
N GLN A 81 -3.22 -1.04 -1.98
CA GLN A 81 -2.10 -0.21 -1.57
C GLN A 81 -2.52 1.16 -1.06
N PHE A 82 -1.77 1.65 -0.09
CA PHE A 82 -2.01 2.95 0.52
C PHE A 82 -1.30 4.05 -0.25
N THR A 83 0.01 3.88 -0.46
CA THR A 83 0.81 4.86 -1.19
C THR A 83 0.62 4.70 -2.69
N ASP A 84 0.67 5.80 -3.42
CA ASP A 84 0.46 5.80 -4.87
C ASP A 84 1.54 5.05 -5.63
N PRO A 85 1.14 4.28 -6.68
CA PRO A 85 2.06 3.50 -7.52
C PRO A 85 3.15 4.34 -8.20
N ARG A 86 2.84 5.58 -8.53
CA ARG A 86 3.79 6.47 -9.20
C ARG A 86 4.48 7.45 -8.24
N LEU A 87 3.91 7.60 -7.04
CA LEU A 87 4.47 8.53 -6.05
C LEU A 87 5.95 8.24 -5.80
N SER A 88 6.20 7.09 -5.19
CA SER A 88 7.56 6.66 -4.88
C SER A 88 8.42 6.60 -6.14
N ALA A 89 7.85 6.05 -7.21
CA ALA A 89 8.58 5.94 -8.48
C ALA A 89 8.03 6.90 -9.52
N ASN A 90 8.79 7.96 -9.80
CA ASN A 90 8.38 8.96 -10.77
C ASN A 90 9.47 9.17 -11.83
N GLY B 1 -8.59 -11.06 21.11
CA GLY B 1 -8.63 -11.29 19.64
C GLY B 1 -8.71 -10.00 18.84
N PRO B 2 -7.57 -9.42 18.45
CA PRO B 2 -7.53 -8.17 17.69
C PRO B 2 -7.89 -8.38 16.22
N LEU B 3 -8.95 -7.71 15.77
CA LEU B 3 -9.41 -7.82 14.40
C LEU B 3 -10.16 -6.56 13.97
N GLY B 4 -9.65 -5.89 12.95
CA GLY B 4 -10.30 -4.68 12.46
C GLY B 4 -9.49 -3.44 12.75
N SER B 5 -10.17 -2.31 12.93
CA SER B 5 -9.50 -1.05 13.22
C SER B 5 -9.23 -0.92 14.72
N GLU B 6 -8.26 -1.68 15.20
CA GLU B 6 -7.88 -1.65 16.61
C GLU B 6 -6.85 -0.58 16.88
N LEU B 7 -5.86 -0.48 15.99
CA LEU B 7 -4.80 0.51 16.14
C LEU B 7 -4.79 1.49 14.97
N GLU B 8 -4.69 0.96 13.75
CA GLU B 8 -4.67 1.81 12.56
C GLU B 8 -4.59 0.98 11.29
N SER B 9 -5.73 0.85 10.60
CA SER B 9 -5.78 0.09 9.36
C SER B 9 -6.58 0.83 8.29
N PRO B 10 -5.91 1.74 7.56
CA PRO B 10 -6.54 2.55 6.51
C PRO B 10 -6.90 1.76 5.23
N PRO B 11 -5.91 1.16 4.52
CA PRO B 11 -6.18 0.41 3.30
C PRO B 11 -6.84 -0.93 3.58
N PRO B 12 -8.12 -1.11 3.17
CA PRO B 12 -8.84 -2.36 3.39
C PRO B 12 -8.24 -3.52 2.60
N PRO B 13 -7.84 -4.60 3.30
CA PRO B 13 -7.25 -5.79 2.66
C PRO B 13 -7.83 -6.10 1.29
N TYR B 14 -7.08 -6.87 0.49
CA TYR B 14 -7.50 -7.17 -0.88
C TYR B 14 -8.29 -8.47 -1.06
N SER B 15 -9.22 -8.38 -2.00
CA SER B 15 -10.10 -9.48 -2.38
C SER B 15 -10.80 -9.17 -3.71
N ARG B 16 -10.11 -8.41 -4.56
CA ARG B 16 -10.66 -7.99 -5.85
C ARG B 16 -11.78 -6.96 -5.63
N TYR B 17 -12.47 -7.11 -4.51
CA TYR B 17 -13.53 -6.21 -4.12
C TYR B 17 -13.32 -5.85 -2.64
N PRO B 18 -12.95 -4.60 -2.34
CA PRO B 18 -12.68 -4.13 -0.99
C PRO B 18 -13.43 -4.91 0.09
N MET B 19 -12.76 -5.92 0.64
CA MET B 19 -13.35 -6.76 1.68
C MET B 19 -12.94 -6.27 3.06
N ASP B 20 -13.88 -5.63 3.77
CA ASP B 20 -13.60 -5.13 5.10
C ASP B 20 -14.85 -5.20 5.97
#